data_6LE9
#
_entry.id   6LE9
#
_cell.length_a   106.455
_cell.length_b   109.388
_cell.length_c   176.376
_cell.angle_alpha   90.000
_cell.angle_beta   90.000
_cell.angle_gamma   90.000
#
_symmetry.space_group_name_H-M   'P 21 21 21'
#
loop_
_entity.id
_entity.type
_entity.pdbx_description
1 polymer 'Histone H3.1'
2 polymer 'Histone H4'
3 polymer 'Histone H2A type 1-B/E'
4 polymer 'Histone H2B type 1-K'
5 polymer 'Human Telomeric DNA (145-MER)'
6 polymer 'Human Telomeric DNA (145-MER)'
7 non-polymer 'MANGANESE (II) ION'
#
loop_
_entity_poly.entity_id
_entity_poly.type
_entity_poly.pdbx_seq_one_letter_code
_entity_poly.pdbx_strand_id
1 'polypeptide(L)'
;RYRPGTVALREIRRYQKSTELLIRKLPFQRLVREIAQDFKTDLRFQSSAVMALQEACEAYLVGLFEDTNLCAIHAKRVTI
MPKDIQLARRIRGERA
;
A,E
2 'polypeptide(L)'
;KRHRKVLRDNIQGITKPAIRRLARRGGVKRISGLIYEETRGVLKVFLENVIRDAVTYTEHAKRKTVTAMDVVYALKRQGR
TLYGFGG
;
B,F
3 'polypeptide(L)'
;AKTRSSRAGLQFPVGRVHRLLRKGNYSERVGAGAPVYLAAVLEYLTAEILELAGNAARDNKKTRIIPRHLQLAIRNDEEL
NKLLGRVTIAQGGVLPNIQAVLLPK
;
C,G
4 'polypeptide(L)'
;RSRKESYSVYVYKVLKQVHPDTGISSKAMGIMNSFVNDIFERIAGEASRLAHYNKRSTITSREIQTAVRLLLPGELAKHA
VSEGTKAVTKYTSAK
;
D,H
5 'polydeoxyribonucleotide'
;(DA)(DT)(DC)(DA)(DC)(DC)(DC)(DT)(DA)(DA)(DC)(DC)(DC)(DT)(DA)(DA)(DC)(DC)(DC)(DT)
(DA)(DA)(DC)(DC)(DC)(DT)(DA)(DA)(DC)(DC)(DC)(DT)(DA)(DA)(DC)(DC)(DC)(DT)(DA)(DA)
(DC)(DC)(DC)(DT)(DA)(DA)(DC)(DC)(DC)(DT)(DA)(DA)(DC)(DC)(DC)(DT)(DA)(DA)(DC)(DC)
(DC)(DT)(DA)(DA)(DC)(DC)(DC)(DT)(DA)(DA)(DC)(DC)(DC)(DT)(DA)(DA)(DC)(DC)(DC)(DT)
(DA)(DA)(DC)(DC)(DC)(DT)(DA)(DA)(DC)(DC)(DC)(DT)(DA)(DA)(DC)(DC)(DC)(DT)(DA)(DA)
(DC)(DC)(DC)(DT)(DA)(DA)(DC)(DC)(DC)(DT)(DA)(DA)(DC)(DC)(DC)(DT)(DA)(DA)(DC)(DC)
(DC)(DT)(DA)(DA)(DC)(DC)(DC)(DT)(DA)(DA)(DC)(DC)(DC)(DT)(DA)(DA)(DC)(DC)(DC)(DT)
(DA)(DA)(DG)(DA)(DT)
;
I
6 'polydeoxyribonucleotide'
;(DA)(DT)(DC)(DT)(DT)(DA)(DG)(DG)(DG)(DT)(DT)(DA)(DG)(DG)(DG)(DT)(DT)(DA)(DG)(DG)
(DG)(DT)(DT)(DA)(DG)(DG)(DG)(DT)(DT)(DA)(DG)(DG)(DG)(DT)(DT)(DA)(DG)(DG)(DG)(DT)
(DT)(DA)(DG)(DG)(DG)(DT)(DT)(DA)(DG)(DG)(DG)(DT)(DT)(DA)(DG)(DG)(DG)(DT)(DT)(DA)
(DG)(DG)(DG)(DT)(DT)(DA)(DG)(DG)(DG)(DT)(DT)(DA)(DG)(DG)(DG)(DT)(DT)(DA)(DG)(DG)
(DG)(DT)(DT)(DA)(DG)(DG)(DG)(DT)(DT)(DA)(DG)(DG)(DG)(DT)(DT)(DA)(DG)(DG)(DG)(DT)
(DT)(DA)(DG)(DG)(DG)(DT)(DT)(DA)(DG)(DG)(DG)(DT)(DT)(DA)(DG)(DG)(DG)(DT)(DT)(DA)
(DG)(DG)(DG)(DT)(DT)(DA)(DG)(DG)(DG)(DT)(DT)(DA)(DG)(DG)(DG)(DT)(DT)(DA)(DG)(DG)
(DG)(DT)(DG)(DA)(DT)
;
J
#
loop_
_chem_comp.id
_chem_comp.type
_chem_comp.name
_chem_comp.formula
DA DNA linking 2'-DEOXYADENOSINE-5'-MONOPHOSPHATE 'C10 H14 N5 O6 P'
DC DNA linking 2'-DEOXYCYTIDINE-5'-MONOPHOSPHATE 'C9 H14 N3 O7 P'
DG DNA linking 2'-DEOXYGUANOSINE-5'-MONOPHOSPHATE 'C10 H14 N5 O7 P'
DT DNA linking THYMIDINE-5'-MONOPHOSPHATE 'C10 H15 N2 O8 P'
MN non-polymer 'MANGANESE (II) ION' 'Mn 2'
#
# COMPACT_ATOMS: atom_id res chain seq x y z
N ARG A 1 16.85 -2.31 -45.80
CA ARG A 1 17.62 -1.95 -44.61
C ARG A 1 17.14 -0.67 -43.93
N TYR A 2 16.47 -0.81 -42.75
CA TYR A 2 15.96 0.32 -41.98
C TYR A 2 17.03 0.92 -41.05
N ARG A 3 16.95 2.24 -40.79
CA ARG A 3 17.90 2.95 -39.91
C ARG A 3 17.72 2.54 -38.43
N PRO A 4 18.76 2.70 -37.57
CA PRO A 4 18.59 2.33 -36.16
C PRO A 4 17.63 3.27 -35.44
N GLY A 5 16.44 2.76 -35.20
CA GLY A 5 15.36 3.51 -34.56
C GLY A 5 14.03 3.11 -35.16
N THR A 6 13.95 3.07 -36.50
CA THR A 6 12.77 2.75 -37.34
C THR A 6 12.06 1.43 -37.04
N VAL A 7 12.80 0.37 -36.67
CA VAL A 7 12.17 -0.91 -36.33
C VAL A 7 11.74 -0.87 -34.85
N ALA A 8 12.56 -0.22 -33.98
CA ALA A 8 12.30 -0.06 -32.56
C ALA A 8 11.00 0.71 -32.35
N LEU A 9 10.82 1.82 -33.08
CA LEU A 9 9.61 2.63 -33.01
C LEU A 9 8.41 1.91 -33.57
N ARG A 10 8.59 1.05 -34.55
CA ARG A 10 7.49 0.26 -35.11
C ARG A 10 7.05 -0.79 -34.09
N GLU A 11 8.03 -1.45 -33.44
CA GLU A 11 7.80 -2.49 -32.42
C GLU A 11 7.02 -1.91 -31.23
N ILE A 12 7.43 -0.73 -30.71
CA ILE A 12 6.76 -0.05 -29.60
C ILE A 12 5.27 0.11 -29.89
N ARG A 13 4.91 0.61 -31.08
CA ARG A 13 3.51 0.77 -31.46
C ARG A 13 2.84 -0.59 -31.58
N ARG A 14 3.52 -1.57 -32.17
CA ARG A 14 3.00 -2.90 -32.38
C ARG A 14 2.57 -3.58 -31.09
N TYR A 15 3.36 -3.37 -30.03
CA TYR A 15 3.12 -4.01 -28.73
C TYR A 15 2.25 -3.18 -27.79
N GLN A 16 2.42 -1.84 -27.77
CA GLN A 16 1.60 -0.97 -26.91
C GLN A 16 0.14 -1.09 -27.30
N LYS A 17 -0.11 -1.07 -28.63
CA LYS A 17 -1.42 -1.20 -29.25
C LYS A 17 -1.97 -2.65 -29.20
N SER A 18 -1.34 -3.57 -28.43
CA SER A 18 -1.74 -4.98 -28.32
C SER A 18 -1.84 -5.42 -26.84
N THR A 19 -2.40 -6.63 -26.58
CA THR A 19 -2.52 -7.13 -25.20
C THR A 19 -2.01 -8.53 -24.94
N GLU A 20 -1.65 -9.26 -26.00
CA GLU A 20 -1.15 -10.63 -25.88
C GLU A 20 0.09 -10.71 -24.97
N LEU A 21 0.35 -11.88 -24.32
CA LEU A 21 1.55 -11.98 -23.45
C LEU A 21 2.86 -12.02 -24.27
N LEU A 22 3.95 -11.51 -23.70
CA LEU A 22 5.25 -11.39 -24.38
C LEU A 22 6.34 -12.40 -23.92
N ILE A 23 6.00 -13.32 -23.02
CA ILE A 23 6.90 -14.38 -22.59
C ILE A 23 6.18 -15.66 -22.98
N ARG A 24 6.92 -16.67 -23.50
CA ARG A 24 6.24 -17.91 -23.88
C ARG A 24 5.78 -18.65 -22.65
N LYS A 25 4.57 -19.21 -22.72
CA LYS A 25 3.89 -19.89 -21.64
C LYS A 25 4.65 -21.06 -21.03
N LEU A 26 5.38 -21.86 -21.83
CA LEU A 26 6.11 -23.01 -21.29
C LEU A 26 7.41 -22.62 -20.56
N PRO A 27 8.38 -21.86 -21.13
CA PRO A 27 9.56 -21.47 -20.34
C PRO A 27 9.22 -20.83 -19.00
N PHE A 28 8.18 -19.93 -18.98
CA PHE A 28 7.64 -19.26 -17.80
C PHE A 28 7.04 -20.29 -16.82
N GLN A 29 6.23 -21.27 -17.29
CA GLN A 29 5.70 -22.29 -16.40
C GLN A 29 6.82 -23.14 -15.76
N ARG A 30 7.96 -23.31 -16.46
CA ARG A 30 9.08 -24.07 -15.88
C ARG A 30 9.66 -23.26 -14.75
N LEU A 31 9.94 -21.96 -15.04
CA LEU A 31 10.51 -21.02 -14.07
C LEU A 31 9.67 -20.94 -12.81
N VAL A 32 8.35 -20.90 -12.97
CA VAL A 32 7.44 -20.84 -11.83
C VAL A 32 7.55 -22.12 -10.98
N ARG A 33 7.55 -23.30 -11.63
CA ARG A 33 7.64 -24.57 -10.90
C ARG A 33 9.00 -24.78 -10.26
N GLU A 34 10.07 -24.24 -10.89
CA GLU A 34 11.41 -24.31 -10.34
C GLU A 34 11.44 -23.49 -9.04
N ILE A 35 11.07 -22.21 -9.11
CA ILE A 35 11.01 -21.31 -7.96
C ILE A 35 10.13 -21.89 -6.83
N ALA A 36 8.90 -22.32 -7.13
CA ALA A 36 8.00 -22.87 -6.12
C ALA A 36 8.53 -24.09 -5.45
N GLN A 37 9.23 -24.96 -6.21
CA GLN A 37 9.86 -26.20 -5.73
C GLN A 37 10.81 -25.86 -4.58
N ASP A 38 11.59 -24.77 -4.72
CA ASP A 38 12.56 -24.26 -3.76
C ASP A 38 11.94 -23.63 -2.48
N PHE A 39 10.61 -23.67 -2.33
CA PHE A 39 9.88 -23.19 -1.16
C PHE A 39 9.14 -24.39 -0.52
N LYS A 40 8.55 -25.23 -1.37
CA LYS A 40 7.87 -26.45 -0.97
C LYS A 40 7.85 -27.43 -2.17
N THR A 41 8.17 -28.69 -1.91
CA THR A 41 8.16 -29.72 -2.94
C THR A 41 6.80 -30.40 -3.02
N ASP A 42 6.57 -31.22 -4.07
CA ASP A 42 5.30 -31.92 -4.25
C ASP A 42 4.16 -30.90 -4.49
N LEU A 43 4.45 -29.82 -5.25
CA LEU A 43 3.47 -28.77 -5.53
C LEU A 43 2.84 -28.85 -6.92
N ARG A 44 1.51 -28.71 -6.93
CA ARG A 44 0.69 -28.61 -8.13
C ARG A 44 0.28 -27.14 -8.35
N PHE A 45 0.11 -26.73 -9.59
CA PHE A 45 -0.28 -25.37 -9.92
C PHE A 45 -1.50 -25.38 -10.80
N GLN A 46 -2.59 -24.67 -10.40
CA GLN A 46 -3.76 -24.55 -11.29
C GLN A 46 -3.36 -23.81 -12.56
N SER A 47 -3.88 -24.22 -13.73
CA SER A 47 -3.54 -23.61 -15.03
C SER A 47 -3.68 -22.08 -14.97
N SER A 48 -4.79 -21.65 -14.31
CA SER A 48 -5.22 -20.27 -14.05
C SER A 48 -4.25 -19.57 -13.11
N ALA A 49 -3.79 -20.23 -12.03
CA ALA A 49 -2.82 -19.67 -11.08
C ALA A 49 -1.53 -19.28 -11.79
N VAL A 50 -1.10 -20.07 -12.77
CA VAL A 50 0.11 -19.76 -13.51
C VAL A 50 -0.12 -18.55 -14.38
N MET A 51 -1.27 -18.49 -15.06
CA MET A 51 -1.60 -17.34 -15.89
C MET A 51 -1.75 -16.05 -15.07
N ALA A 52 -2.32 -16.16 -13.86
CA ALA A 52 -2.44 -15.07 -12.88
C ALA A 52 -1.05 -14.55 -12.52
N LEU A 53 -0.06 -15.45 -12.41
CA LEU A 53 1.32 -15.09 -12.11
C LEU A 53 1.98 -14.45 -13.31
N GLN A 54 1.69 -14.96 -14.53
CA GLN A 54 2.31 -14.44 -15.74
C GLN A 54 1.82 -13.06 -16.06
N GLU A 55 0.50 -12.83 -15.93
CA GLU A 55 -0.10 -11.53 -16.16
C GLU A 55 0.51 -10.50 -15.22
N ALA A 56 0.61 -10.87 -13.93
CA ALA A 56 1.15 -10.07 -12.85
C ALA A 56 2.59 -9.62 -13.14
N CYS A 57 3.40 -10.54 -13.68
CA CYS A 57 4.82 -10.36 -13.98
C CYS A 57 5.05 -9.41 -15.08
N GLU A 58 4.35 -9.64 -16.20
CA GLU A 58 4.52 -8.82 -17.38
C GLU A 58 4.04 -7.39 -17.09
N ALA A 59 2.84 -7.26 -16.49
CA ALA A 59 2.31 -5.96 -16.12
C ALA A 59 3.27 -5.19 -15.22
N TYR A 60 3.94 -5.89 -14.30
CA TYR A 60 4.93 -5.32 -13.40
C TYR A 60 6.11 -4.80 -14.20
N LEU A 61 6.70 -5.67 -15.05
CA LEU A 61 7.91 -5.41 -15.85
C LEU A 61 7.73 -4.32 -16.85
N VAL A 62 6.55 -4.23 -17.46
CA VAL A 62 6.23 -3.18 -18.42
C VAL A 62 6.17 -1.84 -17.68
N GLY A 63 5.53 -1.82 -16.53
CA GLY A 63 5.48 -0.65 -15.67
C GLY A 63 6.86 -0.26 -15.18
N LEU A 64 7.70 -1.25 -14.90
CA LEU A 64 9.08 -1.03 -14.49
C LEU A 64 9.84 -0.43 -15.66
N PHE A 65 9.59 -0.91 -16.90
CA PHE A 65 10.23 -0.36 -18.09
C PHE A 65 9.86 1.09 -18.29
N GLU A 66 8.58 1.44 -18.07
CA GLU A 66 8.09 2.81 -18.14
C GLU A 66 8.93 3.75 -17.25
N ASP A 67 9.07 3.41 -15.97
CA ASP A 67 9.84 4.22 -15.03
C ASP A 67 11.31 4.21 -15.38
N THR A 68 11.82 3.08 -15.86
CA THR A 68 13.23 2.94 -16.22
C THR A 68 13.57 3.86 -17.36
N ASN A 69 12.69 3.92 -18.38
CA ASN A 69 12.84 4.74 -19.57
C ASN A 69 12.86 6.22 -19.19
N LEU A 70 11.98 6.63 -18.24
CA LEU A 70 11.91 7.97 -17.70
C LEU A 70 13.20 8.39 -16.99
N CYS A 71 13.92 7.42 -16.43
CA CYS A 71 15.20 7.62 -15.76
C CYS A 71 16.33 7.79 -16.79
N ALA A 72 16.29 7.02 -17.91
CA ALA A 72 17.26 7.16 -18.97
C ALA A 72 17.07 8.58 -19.60
N ILE A 73 15.82 8.95 -19.91
CA ILE A 73 15.52 10.26 -20.46
C ILE A 73 15.91 11.38 -19.49
N HIS A 74 15.84 11.13 -18.18
CA HIS A 74 16.23 12.13 -17.17
C HIS A 74 17.71 12.48 -17.27
N ALA A 75 18.55 11.46 -17.52
CA ALA A 75 20.01 11.61 -17.65
C ALA A 75 20.41 11.72 -19.14
N LYS A 76 19.58 12.46 -19.91
CA LYS A 76 19.70 12.81 -21.33
C LYS A 76 20.00 11.61 -22.24
N ARG A 77 19.48 10.44 -21.92
CA ARG A 77 19.72 9.24 -22.70
C ARG A 77 18.47 8.73 -23.38
N VAL A 78 18.62 7.74 -24.25
CA VAL A 78 17.56 7.07 -25.01
C VAL A 78 17.54 5.55 -24.73
N THR A 79 18.69 5.00 -24.24
CA THR A 79 18.86 3.60 -23.88
C THR A 79 18.86 3.37 -22.35
N ILE A 80 18.04 2.37 -21.94
CA ILE A 80 17.84 1.94 -20.57
C ILE A 80 19.06 1.14 -20.10
N MET A 81 19.57 1.47 -18.92
CA MET A 81 20.76 0.85 -18.35
C MET A 81 20.47 0.30 -16.96
N PRO A 82 21.27 -0.65 -16.42
CA PRO A 82 21.01 -1.14 -15.07
C PRO A 82 20.89 -0.04 -14.00
N LYS A 83 21.69 1.04 -14.10
CA LYS A 83 21.62 2.17 -13.18
C LYS A 83 20.22 2.84 -13.16
N ASP A 84 19.49 2.75 -14.29
CA ASP A 84 18.14 3.28 -14.41
C ASP A 84 17.15 2.33 -13.73
N ILE A 85 17.21 1.00 -14.01
CA ILE A 85 16.34 0.03 -13.33
C ILE A 85 16.49 0.12 -11.81
N GLN A 86 17.73 0.33 -11.36
CA GLN A 86 18.08 0.45 -9.94
C GLN A 86 17.52 1.72 -9.33
N LEU A 87 17.57 2.84 -10.05
CA LEU A 87 17.02 4.08 -9.53
C LEU A 87 15.48 4.00 -9.49
N ALA A 88 14.87 3.41 -10.54
CA ALA A 88 13.42 3.25 -10.57
C ALA A 88 12.96 2.38 -9.40
N ARG A 89 13.72 1.32 -9.05
CA ARG A 89 13.37 0.46 -7.93
C ARG A 89 13.64 1.10 -6.59
N ARG A 90 14.70 1.95 -6.47
CA ARG A 90 15.10 2.68 -5.25
C ARG A 90 13.99 3.63 -4.83
N ILE A 91 13.46 4.38 -5.82
CA ILE A 91 12.41 5.38 -5.60
C ILE A 91 11.03 4.75 -5.40
N ARG A 92 10.79 3.58 -6.05
CA ARG A 92 9.56 2.81 -5.89
C ARG A 92 9.46 2.14 -4.47
N GLY A 93 10.56 2.10 -3.72
CA GLY A 93 10.58 1.49 -2.40
C GLY A 93 10.70 -0.01 -2.45
N GLU A 94 11.52 -0.49 -3.38
CA GLU A 94 11.79 -1.92 -3.57
C GLU A 94 13.21 -2.26 -3.05
N ARG A 95 14.16 -1.27 -3.21
CA ARG A 95 15.59 -1.22 -2.85
C ARG A 95 16.33 -2.58 -2.94
N LYS B 1 4.45 -42.26 -12.49
CA LYS B 1 4.29 -43.02 -11.23
C LYS B 1 5.61 -42.96 -10.46
N ARG B 2 6.75 -42.65 -11.10
CA ARG B 2 8.00 -42.84 -10.32
C ARG B 2 8.98 -41.67 -10.22
N HIS B 3 8.92 -40.64 -11.06
CA HIS B 3 10.03 -39.65 -10.93
C HIS B 3 9.65 -38.27 -11.44
N ARG B 4 10.29 -37.27 -10.89
CA ARG B 4 10.09 -35.89 -11.39
C ARG B 4 11.43 -35.45 -11.96
N LYS B 5 11.48 -35.00 -13.22
CA LYS B 5 12.71 -34.53 -13.87
C LYS B 5 13.26 -33.29 -13.13
N VAL B 6 14.59 -33.16 -13.07
CA VAL B 6 15.22 -32.05 -12.33
C VAL B 6 14.99 -30.68 -13.00
N LEU B 7 14.40 -29.74 -12.22
CA LEU B 7 14.19 -28.39 -12.71
C LEU B 7 15.39 -27.54 -12.37
N ARG B 8 16.00 -26.92 -13.39
CA ARG B 8 17.26 -26.20 -13.24
C ARG B 8 17.45 -25.07 -14.28
N ASP B 9 17.94 -23.87 -13.86
CA ASP B 9 18.30 -22.70 -14.71
C ASP B 9 17.21 -22.16 -15.69
N ASN B 10 15.91 -22.19 -15.30
CA ASN B 10 14.85 -21.78 -16.21
C ASN B 10 14.67 -20.23 -16.34
N ILE B 11 15.44 -19.45 -15.56
CA ILE B 11 15.46 -17.99 -15.70
C ILE B 11 15.99 -17.60 -17.10
N GLN B 12 16.74 -18.50 -17.77
CA GLN B 12 17.20 -18.23 -19.13
C GLN B 12 16.10 -18.46 -20.20
N GLY B 13 14.98 -19.11 -19.80
CA GLY B 13 13.79 -19.32 -20.62
C GLY B 13 13.07 -18.02 -20.97
N ILE B 14 13.31 -16.98 -20.15
CA ILE B 14 12.88 -15.61 -20.31
C ILE B 14 14.02 -15.08 -21.17
N THR B 15 13.92 -15.32 -22.49
CA THR B 15 14.89 -14.99 -23.55
C THR B 15 15.18 -13.47 -23.72
N LYS B 16 16.19 -13.11 -24.53
CA LYS B 16 16.45 -11.69 -24.84
C LYS B 16 15.31 -11.10 -25.74
N PRO B 17 14.75 -11.85 -26.73
CA PRO B 17 13.63 -11.29 -27.51
C PRO B 17 12.34 -11.10 -26.70
N ALA B 18 12.08 -11.96 -25.69
CA ALA B 18 10.91 -11.84 -24.83
C ALA B 18 11.02 -10.61 -23.93
N ILE B 19 12.25 -10.29 -23.46
CA ILE B 19 12.57 -9.12 -22.64
C ILE B 19 12.43 -7.86 -23.50
N ARG B 20 12.88 -7.93 -24.76
CA ARG B 20 12.77 -6.87 -25.76
C ARG B 20 11.30 -6.44 -25.92
N ARG B 21 10.39 -7.43 -26.07
CA ARG B 21 8.95 -7.16 -26.25
C ARG B 21 8.38 -6.38 -25.07
N LEU B 22 8.70 -6.81 -23.84
CA LEU B 22 8.22 -6.11 -22.64
C LEU B 22 8.78 -4.67 -22.58
N ALA B 23 9.99 -4.43 -23.11
CA ALA B 23 10.55 -3.09 -23.13
C ALA B 23 9.77 -2.22 -24.11
N ARG B 24 9.37 -2.78 -25.27
CA ARG B 24 8.60 -2.08 -26.31
C ARG B 24 7.26 -1.60 -25.75
N ARG B 25 6.56 -2.45 -24.99
CA ARG B 25 5.30 -2.04 -24.39
C ARG B 25 5.48 -0.88 -23.40
N GLY B 26 6.61 -0.85 -22.71
CA GLY B 26 6.95 0.25 -21.81
C GLY B 26 7.44 1.50 -22.52
N GLY B 27 7.48 1.47 -23.85
CA GLY B 27 7.91 2.60 -24.66
C GLY B 27 9.41 2.78 -24.64
N VAL B 28 10.14 1.66 -24.74
CA VAL B 28 11.60 1.71 -24.72
C VAL B 28 12.18 1.62 -26.14
N LYS B 29 13.01 2.61 -26.52
CA LYS B 29 13.60 2.64 -27.85
C LYS B 29 14.92 1.86 -27.86
N ARG B 30 15.91 2.29 -27.05
CA ARG B 30 17.20 1.60 -27.00
C ARG B 30 17.32 0.75 -25.73
N ILE B 31 17.77 -0.50 -25.86
CA ILE B 31 17.90 -1.41 -24.72
C ILE B 31 19.35 -1.87 -24.55
N SER B 32 20.05 -1.43 -23.48
CA SER B 32 21.42 -1.89 -23.22
C SER B 32 21.55 -3.44 -23.19
N GLY B 33 22.75 -3.95 -23.42
CA GLY B 33 22.99 -5.39 -23.40
C GLY B 33 23.02 -5.96 -22.00
N LEU B 34 23.39 -5.14 -21.02
CA LEU B 34 23.43 -5.55 -19.62
C LEU B 34 22.01 -5.71 -19.02
N ILE B 35 21.03 -4.99 -19.59
CA ILE B 35 19.64 -5.02 -19.18
C ILE B 35 19.09 -6.45 -19.13
N TYR B 36 19.27 -7.28 -20.17
CA TYR B 36 18.68 -8.62 -20.20
C TYR B 36 18.97 -9.45 -18.95
N GLU B 37 20.17 -9.30 -18.33
CA GLU B 37 20.45 -10.01 -17.08
C GLU B 37 19.80 -9.28 -15.90
N GLU B 38 19.92 -7.94 -15.81
CA GLU B 38 19.32 -7.18 -14.72
C GLU B 38 17.81 -7.41 -14.61
N THR B 39 17.12 -7.52 -15.74
CA THR B 39 15.69 -7.80 -15.82
C THR B 39 15.43 -9.18 -15.27
N ARG B 40 16.24 -10.17 -15.66
CA ARG B 40 16.13 -11.56 -15.17
C ARG B 40 16.28 -11.60 -13.64
N GLY B 41 17.16 -10.78 -13.10
CA GLY B 41 17.36 -10.70 -11.66
C GLY B 41 16.12 -10.19 -10.97
N VAL B 42 15.63 -9.03 -11.42
CA VAL B 42 14.44 -8.35 -10.89
C VAL B 42 13.17 -9.19 -11.03
N LEU B 43 13.00 -9.90 -12.17
CA LEU B 43 11.85 -10.79 -12.41
C LEU B 43 11.89 -11.94 -11.40
N LYS B 44 13.08 -12.51 -11.17
CA LYS B 44 13.25 -13.63 -10.23
C LYS B 44 12.87 -13.21 -8.82
N VAL B 45 13.22 -11.98 -8.42
CA VAL B 45 12.89 -11.45 -7.10
C VAL B 45 11.39 -11.31 -7.00
N PHE B 46 10.77 -10.72 -8.01
CA PHE B 46 9.32 -10.54 -8.03
C PHE B 46 8.59 -11.88 -7.91
N LEU B 47 8.98 -12.86 -8.72
CA LEU B 47 8.37 -14.17 -8.69
C LEU B 47 8.56 -14.86 -7.36
N GLU B 48 9.75 -14.74 -6.75
CA GLU B 48 10.02 -15.38 -5.46
C GLU B 48 9.05 -14.83 -4.42
N ASN B 49 8.92 -13.50 -4.33
CA ASN B 49 8.09 -12.82 -3.35
C ASN B 49 6.61 -13.15 -3.51
N VAL B 50 6.13 -13.23 -4.75
CA VAL B 50 4.73 -13.59 -5.00
C VAL B 50 4.46 -15.07 -4.70
N ILE B 51 5.24 -15.99 -5.31
CA ILE B 51 5.05 -17.42 -5.12
C ILE B 51 5.24 -17.81 -3.65
N ARG B 52 6.18 -17.19 -2.94
CA ARG B 52 6.39 -17.45 -1.51
C ARG B 52 5.11 -17.23 -0.70
N ASP B 53 4.42 -16.11 -0.94
CA ASP B 53 3.17 -15.81 -0.25
C ASP B 53 2.04 -16.69 -0.75
N ALA B 54 1.99 -16.94 -2.07
CA ALA B 54 0.97 -17.82 -2.68
C ALA B 54 1.02 -19.19 -2.07
N VAL B 55 2.22 -19.71 -1.85
CA VAL B 55 2.44 -21.02 -1.28
C VAL B 55 2.09 -20.99 0.19
N THR B 56 2.44 -19.92 0.92
CA THR B 56 2.05 -19.75 2.33
C THR B 56 0.50 -19.81 2.48
N TYR B 57 -0.24 -19.37 1.45
CA TYR B 57 -1.70 -19.44 1.47
C TYR B 57 -2.16 -20.87 1.22
N THR B 58 -1.54 -21.55 0.22
CA THR B 58 -1.78 -22.93 -0.17
C THR B 58 -1.53 -23.83 1.03
N GLU B 59 -0.38 -23.68 1.68
CA GLU B 59 0.00 -24.44 2.85
C GLU B 59 -0.97 -24.20 4.00
N HIS B 60 -1.45 -22.97 4.18
CA HIS B 60 -2.43 -22.69 5.23
C HIS B 60 -3.73 -23.41 4.93
N ALA B 61 -4.16 -23.41 3.66
CA ALA B 61 -5.37 -24.10 3.25
C ALA B 61 -5.26 -25.63 3.27
N LYS B 62 -4.10 -26.17 3.68
CA LYS B 62 -3.79 -27.59 3.73
C LYS B 62 -3.88 -28.24 2.34
N ARG B 63 -3.52 -27.49 1.30
CA ARG B 63 -3.57 -28.00 -0.06
C ARG B 63 -2.19 -28.21 -0.68
N LYS B 64 -2.12 -29.07 -1.71
CA LYS B 64 -0.90 -29.33 -2.50
C LYS B 64 -0.93 -28.56 -3.84
N THR B 65 -2.12 -28.06 -4.26
CA THR B 65 -2.31 -27.30 -5.47
C THR B 65 -2.51 -25.80 -5.16
N VAL B 66 -1.59 -24.97 -5.70
CA VAL B 66 -1.58 -23.52 -5.60
C VAL B 66 -2.65 -23.05 -6.56
N THR B 67 -3.74 -22.46 -6.03
CA THR B 67 -4.86 -22.05 -6.86
C THR B 67 -4.69 -20.62 -7.40
N ALA B 68 -5.53 -20.22 -8.36
CA ALA B 68 -5.52 -18.88 -8.92
C ALA B 68 -5.83 -17.85 -7.82
N MET B 69 -6.68 -18.21 -6.84
CA MET B 69 -7.00 -17.37 -5.69
C MET B 69 -5.81 -17.11 -4.80
N ASP B 70 -4.97 -18.12 -4.59
CA ASP B 70 -3.76 -17.96 -3.78
C ASP B 70 -2.82 -16.98 -4.40
N VAL B 71 -2.64 -17.05 -5.72
CA VAL B 71 -1.82 -16.11 -6.47
C VAL B 71 -2.43 -14.71 -6.42
N VAL B 72 -3.77 -14.61 -6.41
CA VAL B 72 -4.46 -13.34 -6.32
C VAL B 72 -4.27 -12.73 -4.93
N TYR B 73 -4.50 -13.51 -3.86
CA TYR B 73 -4.33 -13.03 -2.50
C TYR B 73 -2.89 -12.60 -2.24
N ALA B 74 -1.92 -13.32 -2.83
CA ALA B 74 -0.53 -12.99 -2.71
C ALA B 74 -0.24 -11.68 -3.38
N LEU B 75 -0.78 -11.43 -4.57
CA LEU B 75 -0.58 -10.21 -5.31
C LEU B 75 -1.14 -9.03 -4.55
N LYS B 76 -2.36 -9.16 -4.00
CA LYS B 76 -2.97 -8.12 -3.19
C LYS B 76 -2.08 -7.80 -1.95
N ARG B 77 -1.48 -8.81 -1.31
CA ARG B 77 -0.58 -8.62 -0.17
C ARG B 77 0.61 -7.75 -0.60
N GLN B 78 1.16 -8.02 -1.79
CA GLN B 78 2.29 -7.29 -2.38
C GLN B 78 1.90 -5.91 -2.93
N GLY B 79 0.62 -5.57 -2.92
CA GLY B 79 0.13 -4.32 -3.45
C GLY B 79 0.15 -4.31 -4.96
N ARG B 80 -0.04 -5.47 -5.59
CA ARG B 80 -0.03 -5.56 -7.05
C ARG B 80 -1.27 -6.50 -7.07
N THR B 81 -2.48 -5.90 -6.81
CA THR B 81 -3.90 -6.27 -6.99
C THR B 81 -4.23 -6.62 -8.41
N LEU B 82 -4.63 -7.88 -8.65
CA LEU B 82 -4.90 -8.33 -10.01
C LEU B 82 -6.35 -8.58 -10.25
N TYR B 83 -6.84 -8.00 -11.34
CA TYR B 83 -8.22 -8.14 -11.80
C TYR B 83 -8.38 -9.24 -12.87
N GLY B 84 -9.38 -10.09 -12.69
CA GLY B 84 -9.71 -11.08 -13.70
C GLY B 84 -9.67 -12.54 -13.35
N PHE B 85 -8.89 -12.96 -12.34
CA PHE B 85 -8.75 -14.38 -12.04
C PHE B 85 -9.52 -14.82 -10.82
N GLY B 86 -10.65 -14.19 -10.59
CA GLY B 86 -11.45 -14.48 -9.41
C GLY B 86 -11.22 -13.43 -8.33
N GLY B 87 -12.04 -13.51 -7.26
CA GLY B 87 -12.00 -12.54 -6.14
C GLY B 87 -12.52 -11.17 -6.59
N THR C 3 -3.19 -15.85 36.20
CA THR C 3 -3.34 -15.15 34.92
C THR C 3 -2.92 -16.04 33.75
N ARG C 4 -3.53 -15.83 32.57
CA ARG C 4 -3.17 -16.62 31.39
C ARG C 4 -1.76 -16.32 30.89
N SER C 5 -1.26 -15.10 31.13
CA SER C 5 0.08 -14.68 30.74
C SER C 5 1.13 -15.44 31.51
N SER C 6 0.90 -15.68 32.81
CA SER C 6 1.83 -16.45 33.63
C SER C 6 1.86 -17.91 33.20
N ARG C 7 0.69 -18.46 32.79
CA ARG C 7 0.51 -19.81 32.27
C ARG C 7 1.31 -20.06 30.95
N ALA C 8 1.58 -18.98 30.20
CA ALA C 8 2.30 -19.03 28.93
C ALA C 8 3.75 -18.48 28.97
N GLY C 9 4.17 -17.97 30.12
CA GLY C 9 5.52 -17.43 30.30
C GLY C 9 5.69 -16.08 29.64
N LEU C 10 4.64 -15.27 29.69
CA LEU C 10 4.61 -13.98 29.04
C LEU C 10 4.40 -12.83 29.99
N GLN C 11 4.86 -11.66 29.55
CA GLN C 11 4.69 -10.35 30.19
C GLN C 11 3.47 -9.68 29.55
N PHE C 12 3.32 -9.78 28.22
CA PHE C 12 2.21 -9.22 27.46
C PHE C 12 0.88 -9.86 27.89
N PRO C 13 -0.19 -9.05 27.92
CA PRO C 13 -1.47 -9.55 28.46
C PRO C 13 -2.26 -10.49 27.57
N VAL C 14 -2.22 -11.79 27.86
CA VAL C 14 -2.95 -12.78 27.08
C VAL C 14 -4.47 -12.58 27.16
N GLY C 15 -4.95 -12.13 28.31
CA GLY C 15 -6.36 -11.89 28.50
C GLY C 15 -6.87 -10.69 27.72
N ARG C 16 -6.06 -9.62 27.67
CA ARG C 16 -6.43 -8.39 26.96
C ARG C 16 -6.46 -8.60 25.46
N VAL C 17 -5.42 -9.26 24.92
CA VAL C 17 -5.29 -9.56 23.49
C VAL C 17 -6.49 -10.39 23.03
N HIS C 18 -6.96 -11.34 23.86
CA HIS C 18 -8.12 -12.19 23.55
C HIS C 18 -9.40 -11.37 23.43
N ARG C 19 -9.54 -10.35 24.28
CA ARG C 19 -10.71 -9.48 24.29
C ARG C 19 -10.70 -8.58 23.06
N LEU C 20 -9.52 -8.00 22.72
CA LEU C 20 -9.35 -7.12 21.55
C LEU C 20 -9.60 -7.84 20.23
N LEU C 21 -9.33 -9.15 20.18
CA LEU C 21 -9.55 -9.94 18.98
C LEU C 21 -11.04 -10.09 18.67
N ARG C 22 -11.90 -10.33 19.68
CA ARG C 22 -13.35 -10.47 19.41
C ARG C 22 -14.04 -9.12 19.29
N LYS C 23 -13.54 -8.11 20.04
CA LYS C 23 -14.03 -6.72 20.03
C LYS C 23 -13.72 -5.99 18.71
N GLY C 24 -12.56 -6.30 18.14
CA GLY C 24 -12.08 -5.66 16.93
C GLY C 24 -12.71 -6.11 15.63
N ASN C 25 -13.68 -7.04 15.70
CA ASN C 25 -14.40 -7.55 14.52
C ASN C 25 -13.50 -8.26 13.48
N TYR C 26 -12.68 -9.23 13.94
CA TYR C 26 -11.82 -9.96 13.03
C TYR C 26 -12.46 -11.27 12.59
N SER C 27 -13.20 -11.92 13.50
CA SER C 27 -13.89 -13.16 13.19
C SER C 27 -14.99 -13.44 14.23
N GLU C 28 -15.87 -14.41 13.93
CA GLU C 28 -16.93 -14.82 14.82
C GLU C 28 -16.33 -15.36 16.15
N ARG C 29 -15.39 -16.34 16.09
CA ARG C 29 -14.77 -16.92 17.28
C ARG C 29 -13.23 -16.76 17.34
N VAL C 30 -12.69 -16.74 18.57
CA VAL C 30 -11.26 -16.60 18.82
C VAL C 30 -10.75 -17.84 19.56
N GLY C 31 -9.86 -18.58 18.91
CA GLY C 31 -9.23 -19.77 19.47
C GLY C 31 -8.55 -19.52 20.81
N ALA C 32 -8.30 -20.59 21.56
CA ALA C 32 -7.72 -20.49 22.90
C ALA C 32 -6.24 -20.08 22.89
N GLY C 33 -5.52 -20.55 21.87
CA GLY C 33 -4.10 -20.28 21.73
C GLY C 33 -3.75 -19.11 20.85
N ALA C 34 -4.72 -18.55 20.12
CA ALA C 34 -4.46 -17.40 19.28
C ALA C 34 -3.99 -16.17 20.09
N PRO C 35 -4.67 -15.74 21.19
CA PRO C 35 -4.15 -14.58 21.95
C PRO C 35 -2.81 -14.81 22.60
N VAL C 36 -2.52 -16.08 22.91
CA VAL C 36 -1.30 -16.55 23.53
C VAL C 36 -0.16 -16.40 22.49
N TYR C 37 -0.38 -16.93 21.28
CA TYR C 37 0.57 -16.87 20.19
C TYR C 37 0.84 -15.41 19.85
N LEU C 38 -0.24 -14.60 19.69
CA LEU C 38 -0.14 -13.19 19.35
C LEU C 38 0.54 -12.35 20.40
N ALA C 39 0.16 -12.48 21.71
CA ALA C 39 0.81 -11.71 22.78
C ALA C 39 2.32 -11.97 22.81
N ALA C 40 2.72 -13.22 22.49
CA ALA C 40 4.11 -13.68 22.42
C ALA C 40 4.86 -13.09 21.24
N VAL C 41 4.19 -12.97 20.08
CA VAL C 41 4.77 -12.38 18.87
C VAL C 41 4.96 -10.88 19.09
N LEU C 42 4.01 -10.23 19.76
CA LEU C 42 4.09 -8.80 20.07
C LEU C 42 5.17 -8.56 21.11
N GLU C 43 5.24 -9.43 22.12
CA GLU C 43 6.26 -9.35 23.18
C GLU C 43 7.65 -9.58 22.59
N TYR C 44 7.78 -10.55 21.67
CA TYR C 44 9.06 -10.81 21.01
C TYR C 44 9.52 -9.57 20.24
N LEU C 45 8.63 -9.00 19.42
CA LEU C 45 8.99 -7.86 18.60
C LEU C 45 9.32 -6.64 19.44
N THR C 46 8.59 -6.41 20.55
CA THR C 46 8.91 -5.26 21.42
C THR C 46 10.29 -5.44 22.03
N ALA C 47 10.63 -6.67 22.45
CA ALA C 47 11.93 -6.99 23.03
C ALA C 47 13.05 -6.84 22.00
N GLU C 48 12.79 -7.26 20.78
CA GLU C 48 13.75 -7.15 19.68
C GLU C 48 14.05 -5.66 19.41
N ILE C 49 13.02 -4.80 19.46
CA ILE C 49 13.22 -3.36 19.27
C ILE C 49 13.96 -2.74 20.45
N LEU C 50 13.42 -2.92 21.69
CA LEU C 50 13.98 -2.42 22.94
C LEU C 50 15.44 -2.77 23.10
N GLU C 51 15.84 -3.97 22.61
CA GLU C 51 17.21 -4.43 22.64
C GLU C 51 18.10 -3.49 21.85
N LEU C 52 17.84 -3.34 20.56
CA LEU C 52 18.65 -2.49 19.71
C LEU C 52 18.58 -1.01 20.08
N ALA C 53 17.47 -0.59 20.69
CA ALA C 53 17.24 0.78 21.12
C ALA C 53 18.08 1.11 22.34
N GLY C 54 18.13 0.20 23.32
CA GLY C 54 18.96 0.40 24.51
C GLY C 54 20.43 0.50 24.17
N ASN C 55 20.85 -0.24 23.11
CA ASN C 55 22.21 -0.24 22.59
C ASN C 55 22.53 1.09 21.96
N ALA C 56 21.58 1.67 21.22
CA ALA C 56 21.79 2.97 20.60
C ALA C 56 21.84 4.08 21.65
N ALA C 57 21.09 3.93 22.77
CA ALA C 57 21.06 4.86 23.90
C ALA C 57 22.39 4.80 24.68
N ARG C 58 22.92 3.56 24.83
CA ARG C 58 24.20 3.25 25.46
C ARG C 58 25.31 3.97 24.64
N ASP C 59 25.23 3.89 23.30
CA ASP C 59 26.22 4.50 22.41
C ASP C 59 26.22 6.01 22.51
N ASN C 60 25.04 6.62 22.68
CA ASN C 60 24.92 8.07 22.77
C ASN C 60 25.12 8.62 24.18
N LYS C 61 25.69 7.79 25.10
CA LYS C 61 26.01 8.12 26.51
C LYS C 61 24.77 8.37 27.41
N LYS C 62 23.56 8.02 26.91
CA LYS C 62 22.33 8.22 27.67
C LYS C 62 21.87 6.93 28.37
N THR C 63 20.96 7.04 29.33
CA THR C 63 20.37 5.88 29.98
C THR C 63 18.96 5.69 29.43
N ARG C 64 18.19 6.79 29.27
CA ARG C 64 16.82 6.79 28.76
C ARG C 64 16.73 6.84 27.23
N ILE C 65 16.09 5.81 26.64
CA ILE C 65 15.83 5.65 25.22
C ILE C 65 14.80 6.70 24.82
N ILE C 66 15.17 7.56 23.88
CA ILE C 66 14.26 8.57 23.35
C ILE C 66 13.88 8.10 21.92
N PRO C 67 12.88 8.73 21.27
CA PRO C 67 12.53 8.31 19.91
C PRO C 67 13.71 8.28 18.91
N ARG C 68 14.79 9.06 19.13
CA ARG C 68 15.95 9.01 18.25
C ARG C 68 16.60 7.64 18.32
N HIS C 69 16.69 7.07 19.51
CA HIS C 69 17.30 5.76 19.71
C HIS C 69 16.48 4.66 19.01
N LEU C 70 15.14 4.79 19.06
CA LEU C 70 14.22 3.88 18.38
C LEU C 70 14.41 3.96 16.88
N GLN C 71 14.53 5.16 16.32
CA GLN C 71 14.73 5.32 14.89
C GLN C 71 16.07 4.76 14.47
N LEU C 72 17.12 5.06 15.22
CA LEU C 72 18.45 4.54 14.94
C LEU C 72 18.47 3.02 14.95
N ALA C 73 17.75 2.40 15.89
CA ALA C 73 17.68 0.96 15.96
C ALA C 73 16.95 0.37 14.75
N ILE C 74 15.79 0.98 14.37
CA ILE C 74 14.96 0.52 13.26
C ILE C 74 15.68 0.60 11.93
N ARG C 75 16.20 1.77 11.57
CA ARG C 75 16.84 1.98 10.27
C ARG C 75 18.19 1.34 10.12
N ASN C 76 18.84 0.96 11.24
CA ASN C 76 20.13 0.28 11.15
C ASN C 76 19.96 -1.23 10.93
N ASP C 77 18.81 -1.79 11.31
CA ASP C 77 18.48 -3.18 11.04
C ASP C 77 17.98 -3.26 9.59
N GLU C 78 18.06 -4.45 9.01
CA GLU C 78 17.54 -4.66 7.67
C GLU C 78 16.08 -5.08 7.76
N GLU C 79 15.76 -5.96 8.70
CA GLU C 79 14.41 -6.48 8.87
C GLU C 79 13.47 -5.53 9.53
N LEU C 80 13.88 -4.88 10.62
CA LEU C 80 13.02 -3.89 11.30
C LEU C 80 12.72 -2.72 10.35
N ASN C 81 13.70 -2.32 9.54
CA ASN C 81 13.48 -1.29 8.54
C ASN C 81 12.44 -1.75 7.51
N LYS C 82 12.56 -2.98 6.97
CA LYS C 82 11.60 -3.49 5.99
C LYS C 82 10.21 -3.60 6.60
N LEU C 83 10.13 -4.00 7.89
CA LEU C 83 8.86 -4.17 8.60
C LEU C 83 8.18 -2.84 8.83
N LEU C 84 8.97 -1.84 9.23
CA LEU C 84 8.45 -0.49 9.48
C LEU C 84 8.91 0.45 8.37
N GLY C 85 8.84 -0.01 7.12
CA GLY C 85 9.26 0.74 5.96
C GLY C 85 8.34 1.89 5.62
N ARG C 86 7.03 1.71 5.77
CA ARG C 86 6.07 2.76 5.44
C ARG C 86 5.46 3.36 6.70
N VAL C 87 6.31 3.54 7.74
CA VAL C 87 6.02 4.07 9.09
C VAL C 87 6.99 5.22 9.39
N THR C 88 6.50 6.25 10.08
CA THR C 88 7.29 7.43 10.47
C THR C 88 7.38 7.51 12.00
N ILE C 89 8.61 7.43 12.57
CA ILE C 89 8.78 7.59 14.01
C ILE C 89 8.87 9.10 14.29
N ALA C 90 7.90 9.65 15.04
CA ALA C 90 7.91 11.08 15.35
C ALA C 90 9.10 11.40 16.24
N GLN C 91 9.84 12.47 15.91
CA GLN C 91 11.05 12.90 16.60
C GLN C 91 12.21 11.94 16.39
N GLY C 92 12.20 11.22 15.28
CA GLY C 92 13.24 10.24 15.00
C GLY C 92 14.41 10.74 14.18
N GLY C 93 14.20 11.76 13.37
CA GLY C 93 15.27 12.28 12.50
C GLY C 93 15.68 11.28 11.43
N VAL C 94 16.82 11.51 10.73
CA VAL C 94 17.26 10.55 9.70
C VAL C 94 18.57 9.85 10.08
N LEU C 95 18.94 8.77 9.35
CA LEU C 95 20.23 8.12 9.58
C LEU C 95 21.25 9.05 8.91
N PRO C 96 22.39 9.29 9.56
CA PRO C 96 23.40 10.14 8.94
C PRO C 96 24.03 9.44 7.73
N ASN C 97 23.77 9.96 6.53
CA ASN C 97 24.31 9.41 5.30
C ASN C 97 24.45 10.53 4.27
N ILE C 98 25.66 10.67 3.70
CA ILE C 98 26.01 11.69 2.70
C ILE C 98 26.51 10.95 1.47
N GLN C 99 25.97 11.27 0.30
CA GLN C 99 26.39 10.61 -0.94
C GLN C 99 27.89 10.75 -1.23
N ALA C 100 28.54 9.68 -1.75
CA ALA C 100 29.97 9.69 -2.05
C ALA C 100 30.38 10.78 -3.03
N VAL C 101 29.53 11.10 -4.01
CA VAL C 101 29.85 12.14 -4.99
C VAL C 101 29.79 13.55 -4.38
N LEU C 102 29.05 13.73 -3.28
CA LEU C 102 28.97 15.03 -2.62
C LEU C 102 30.02 15.19 -1.50
N LEU C 103 31.14 14.45 -1.60
CA LEU C 103 32.26 14.53 -0.66
C LEU C 103 33.42 15.31 -1.29
N PRO C 104 34.19 16.06 -0.46
CA PRO C 104 35.29 16.88 -0.99
C PRO C 104 36.31 16.15 -1.87
N LYS C 105 36.63 16.78 -3.01
CA LYS C 105 37.54 16.29 -4.03
C LYS C 105 39.00 16.28 -3.56
N ARG D 1 -14.37 12.17 32.64
CA ARG D 1 -13.32 11.63 31.78
C ARG D 1 -13.51 10.11 31.50
N SER D 2 -12.67 9.54 30.62
CA SER D 2 -12.71 8.13 30.22
C SER D 2 -11.39 7.39 30.58
N ARG D 3 -11.38 6.03 30.44
CA ARG D 3 -10.20 5.20 30.72
C ARG D 3 -9.29 5.07 29.48
N LYS D 4 -7.99 5.34 29.66
CA LYS D 4 -7.02 5.27 28.55
C LYS D 4 -6.20 3.97 28.62
N GLU D 5 -6.46 3.02 27.72
CA GLU D 5 -5.68 1.75 27.71
C GLU D 5 -4.25 1.97 27.19
N SER D 6 -3.32 1.07 27.55
CA SER D 6 -1.92 1.22 27.14
C SER D 6 -1.12 -0.06 27.35
N TYR D 7 -0.06 -0.24 26.56
CA TYR D 7 0.83 -1.39 26.73
C TYR D 7 2.11 -0.97 27.51
N SER D 8 2.10 0.18 28.23
CA SER D 8 3.26 0.74 28.93
C SER D 8 3.80 -0.13 30.06
N VAL D 9 2.90 -0.81 30.76
CA VAL D 9 3.22 -1.71 31.87
C VAL D 9 4.13 -2.83 31.36
N TYR D 10 3.76 -3.42 30.21
CA TYR D 10 4.45 -4.52 29.55
C TYR D 10 5.68 -4.07 28.78
N VAL D 11 5.66 -2.88 28.16
CA VAL D 11 6.85 -2.37 27.46
C VAL D 11 7.97 -2.13 28.51
N TYR D 12 7.61 -1.67 29.74
CA TYR D 12 8.50 -1.46 30.87
C TYR D 12 9.08 -2.82 31.36
N LYS D 13 8.19 -3.81 31.64
CA LYS D 13 8.58 -5.15 32.07
C LYS D 13 9.59 -5.79 31.12
N VAL D 14 9.28 -5.76 29.81
CA VAL D 14 10.12 -6.29 28.73
C VAL D 14 11.44 -5.49 28.62
N LEU D 15 11.40 -4.16 28.81
CA LEU D 15 12.62 -3.35 28.78
C LEU D 15 13.56 -3.77 29.90
N LYS D 16 12.99 -3.98 31.10
CA LYS D 16 13.73 -4.41 32.28
C LYS D 16 14.43 -5.76 32.09
N GLN D 17 13.86 -6.66 31.26
CA GLN D 17 14.46 -7.97 30.95
C GLN D 17 15.68 -7.84 30.03
N VAL D 18 15.61 -6.98 29.00
CA VAL D 18 16.72 -6.85 28.05
C VAL D 18 17.80 -5.88 28.53
N HIS D 19 17.39 -4.75 29.10
CA HIS D 19 18.31 -3.73 29.58
C HIS D 19 17.83 -3.23 30.93
N PRO D 20 18.27 -3.86 32.03
CA PRO D 20 17.80 -3.41 33.35
C PRO D 20 18.37 -2.06 33.79
N ASP D 21 19.53 -1.66 33.21
CA ASP D 21 20.20 -0.40 33.48
C ASP D 21 19.89 0.62 32.36
N THR D 22 18.65 0.56 31.80
CA THR D 22 18.18 1.41 30.70
C THR D 22 16.72 1.87 30.92
N GLY D 23 16.42 3.12 30.57
CA GLY D 23 15.09 3.71 30.75
C GLY D 23 14.36 4.08 29.47
N ILE D 24 13.19 4.75 29.56
CA ILE D 24 12.44 5.12 28.36
C ILE D 24 11.70 6.48 28.48
N SER D 25 11.86 7.36 27.46
CA SER D 25 11.22 8.68 27.32
C SER D 25 9.69 8.57 27.25
N SER D 26 8.95 9.64 27.60
CA SER D 26 7.48 9.62 27.49
C SER D 26 7.07 9.56 26.02
N LYS D 27 7.81 10.25 25.14
CA LYS D 27 7.59 10.23 23.71
C LYS D 27 7.96 8.85 23.16
N ALA D 28 9.11 8.28 23.56
CA ALA D 28 9.52 6.96 23.09
C ALA D 28 8.54 5.89 23.49
N MET D 29 7.89 6.01 24.66
CA MET D 29 6.86 5.07 25.08
C MET D 29 5.62 5.16 24.19
N GLY D 30 5.31 6.37 23.70
CA GLY D 30 4.22 6.58 22.76
C GLY D 30 4.54 5.91 21.45
N ILE D 31 5.81 6.03 20.97
CA ILE D 31 6.28 5.35 19.74
C ILE D 31 6.16 3.83 19.91
N MET D 32 6.52 3.31 21.09
CA MET D 32 6.39 1.88 21.35
C MET D 32 4.93 1.44 21.40
N ASN D 33 4.06 2.26 21.94
CA ASN D 33 2.64 1.96 22.00
C ASN D 33 2.01 1.94 20.61
N SER D 34 2.44 2.88 19.75
CA SER D 34 1.97 2.94 18.37
C SER D 34 2.45 1.69 17.61
N PHE D 35 3.68 1.24 17.88
CA PHE D 35 4.24 0.06 17.27
C PHE D 35 3.45 -1.18 17.62
N VAL D 36 3.12 -1.36 18.91
CA VAL D 36 2.38 -2.54 19.35
C VAL D 36 1.00 -2.56 18.72
N ASN D 37 0.33 -1.41 18.70
CA ASN D 37 -1.00 -1.32 18.13
C ASN D 37 -1.04 -1.56 16.63
N ASP D 38 -0.04 -1.05 15.91
CA ASP D 38 0.01 -1.24 14.47
C ASP D 38 0.20 -2.71 14.13
N ILE D 39 1.19 -3.35 14.76
CA ILE D 39 1.49 -4.76 14.53
C ILE D 39 0.36 -5.64 15.01
N PHE D 40 -0.37 -5.25 16.07
CA PHE D 40 -1.51 -6.03 16.53
C PHE D 40 -2.54 -6.12 15.41
N GLU D 41 -2.90 -4.95 14.85
CA GLU D 41 -3.88 -4.85 13.80
C GLU D 41 -3.43 -5.56 12.56
N ARG D 42 -2.13 -5.43 12.20
CA ARG D 42 -1.59 -6.03 10.99
C ARG D 42 -1.77 -7.53 11.00
N ILE D 43 -1.40 -8.15 12.14
CA ILE D 43 -1.48 -9.60 12.31
C ILE D 43 -2.94 -10.02 12.43
N ALA D 44 -3.72 -9.36 13.30
CA ALA D 44 -5.12 -9.71 13.53
C ALA D 44 -5.93 -9.63 12.25
N GLY D 45 -5.73 -8.57 11.46
CA GLY D 45 -6.44 -8.37 10.21
C GLY D 45 -6.09 -9.41 9.18
N GLU D 46 -4.81 -9.79 9.11
CA GLU D 46 -4.39 -10.82 8.16
C GLU D 46 -4.96 -12.19 8.55
N ALA D 47 -5.00 -12.48 9.84
CA ALA D 47 -5.59 -13.72 10.35
C ALA D 47 -7.10 -13.74 10.10
N SER D 48 -7.76 -12.58 10.21
CA SER D 48 -9.18 -12.41 9.93
C SER D 48 -9.51 -12.79 8.48
N ARG D 49 -8.58 -12.49 7.56
CA ARG D 49 -8.74 -12.77 6.15
C ARG D 49 -8.52 -14.23 5.88
N LEU D 50 -7.47 -14.84 6.45
CA LEU D 50 -7.19 -16.27 6.27
C LEU D 50 -8.37 -17.13 6.71
N ALA D 51 -8.93 -16.81 7.91
CA ALA D 51 -10.07 -17.47 8.49
C ALA D 51 -11.23 -17.46 7.50
N HIS D 52 -11.47 -16.28 6.91
CA HIS D 52 -12.47 -16.02 5.91
C HIS D 52 -12.25 -16.76 4.59
N TYR D 53 -11.05 -16.67 4.00
CA TYR D 53 -10.72 -17.34 2.75
C TYR D 53 -11.00 -18.82 2.81
N ASN D 54 -10.71 -19.44 3.97
CA ASN D 54 -10.90 -20.87 4.12
C ASN D 54 -12.26 -21.23 4.74
N LYS D 55 -13.28 -20.40 4.50
CA LYS D 55 -14.63 -20.57 5.00
C LYS D 55 -14.72 -20.97 6.48
N ARG D 56 -13.75 -20.54 7.30
CA ARG D 56 -13.75 -20.87 8.72
C ARG D 56 -14.26 -19.71 9.57
N SER D 57 -14.89 -20.00 10.72
CA SER D 57 -15.46 -18.94 11.57
C SER D 57 -14.66 -18.71 12.85
N THR D 58 -13.37 -19.08 12.87
CA THR D 58 -12.55 -18.91 14.08
C THR D 58 -11.08 -18.55 13.76
N ILE D 59 -10.53 -17.57 14.48
CA ILE D 59 -9.12 -17.23 14.33
C ILE D 59 -8.39 -18.05 15.36
N THR D 60 -7.66 -19.08 14.94
CA THR D 60 -6.90 -19.89 15.89
C THR D 60 -5.41 -19.53 15.80
N SER D 61 -4.54 -20.09 16.67
CA SER D 61 -3.11 -19.81 16.59
C SER D 61 -2.50 -20.21 15.22
N ARG D 62 -3.18 -21.06 14.45
CA ARG D 62 -2.74 -21.46 13.11
C ARG D 62 -2.90 -20.26 12.12
N GLU D 63 -3.93 -19.45 12.33
CA GLU D 63 -4.21 -18.27 11.52
C GLU D 63 -3.19 -17.15 11.89
N ILE D 64 -2.88 -17.01 13.21
CA ILE D 64 -1.87 -16.06 13.71
C ILE D 64 -0.52 -16.44 13.13
N GLN D 65 -0.23 -17.75 13.14
CA GLN D 65 0.97 -18.41 12.62
C GLN D 65 1.27 -17.94 11.20
N THR D 66 0.35 -18.18 10.26
CA THR D 66 0.55 -17.87 8.86
C THR D 66 0.51 -16.39 8.59
N ALA D 67 -0.22 -15.61 9.40
CA ALA D 67 -0.23 -14.16 9.27
C ALA D 67 1.18 -13.62 9.57
N VAL D 68 1.85 -14.17 10.62
CA VAL D 68 3.20 -13.79 11.01
C VAL D 68 4.18 -14.14 9.88
N ARG D 69 4.05 -15.32 9.29
CA ARG D 69 4.89 -15.76 8.17
C ARG D 69 4.72 -14.84 6.94
N LEU D 70 3.53 -14.26 6.76
CA LEU D 70 3.26 -13.39 5.63
C LEU D 70 3.74 -11.97 5.89
N LEU D 71 3.54 -11.48 7.11
CA LEU D 71 3.82 -10.09 7.45
C LEU D 71 5.24 -9.78 7.89
N LEU D 72 5.85 -10.66 8.68
CA LEU D 72 7.20 -10.40 9.17
C LEU D 72 8.30 -10.84 8.22
N PRO D 73 9.37 -10.00 8.14
CA PRO D 73 10.52 -10.33 7.28
C PRO D 73 11.08 -11.69 7.68
N GLY D 74 11.97 -12.20 6.84
CA GLY D 74 12.65 -13.50 6.95
C GLY D 74 13.17 -14.19 8.20
N GLU D 75 14.00 -13.54 8.98
CA GLU D 75 14.55 -14.09 10.21
C GLU D 75 13.66 -13.65 11.35
N LEU D 76 13.09 -12.45 11.29
CA LEU D 76 12.20 -11.95 12.35
C LEU D 76 10.99 -12.87 12.50
N ALA D 77 10.46 -13.32 11.37
CA ALA D 77 9.35 -14.26 11.29
C ALA D 77 9.74 -15.63 11.82
N LYS D 78 10.99 -16.05 11.60
CA LYS D 78 11.47 -17.34 12.06
C LYS D 78 11.50 -17.35 13.58
N HIS D 79 12.00 -16.26 14.18
CA HIS D 79 12.09 -16.16 15.63
C HIS D 79 10.73 -15.87 16.29
N ALA D 80 9.83 -15.19 15.59
CA ALA D 80 8.51 -14.90 16.13
C ALA D 80 7.64 -16.16 16.12
N VAL D 81 7.71 -16.94 15.02
CA VAL D 81 7.00 -18.21 14.91
C VAL D 81 7.51 -19.20 15.98
N SER D 82 8.80 -19.11 16.32
CA SER D 82 9.43 -19.89 17.38
C SER D 82 8.85 -19.48 18.74
N GLU D 83 9.09 -18.22 19.17
CA GLU D 83 8.60 -17.73 20.46
C GLU D 83 7.08 -17.86 20.64
N GLY D 84 6.36 -17.84 19.54
CA GLY D 84 4.91 -18.00 19.55
C GLY D 84 4.52 -19.43 19.83
N THR D 85 5.05 -20.38 19.04
CA THR D 85 4.77 -21.82 19.24
C THR D 85 5.22 -22.27 20.64
N LYS D 86 6.32 -21.67 21.13
CA LYS D 86 6.89 -21.88 22.45
C LYS D 86 5.82 -21.54 23.51
N ALA D 87 5.37 -20.26 23.55
CA ALA D 87 4.37 -19.77 24.51
C ALA D 87 3.06 -20.55 24.49
N VAL D 88 2.62 -21.01 23.32
CA VAL D 88 1.40 -21.80 23.18
C VAL D 88 1.62 -23.16 23.83
N THR D 89 2.72 -23.83 23.46
CA THR D 89 3.14 -25.13 24.01
C THR D 89 3.14 -25.10 25.55
N LYS D 90 3.81 -24.09 26.13
CA LYS D 90 3.91 -23.86 27.57
C LYS D 90 2.52 -23.60 28.21
N TYR D 91 1.66 -22.88 27.50
CA TYR D 91 0.32 -22.56 27.99
C TYR D 91 -0.56 -23.80 28.09
N THR D 92 -0.43 -24.73 27.13
CA THR D 92 -1.20 -25.97 27.06
C THR D 92 -0.85 -26.88 28.25
N SER D 93 0.46 -26.93 28.60
CA SER D 93 0.96 -27.74 29.70
C SER D 93 0.35 -27.27 31.04
N ALA D 94 0.52 -25.98 31.39
CA ALA D 94 -0.01 -25.42 32.62
C ALA D 94 -1.47 -24.95 32.49
N LYS D 95 -2.40 -25.53 33.27
CA LYS D 95 -3.81 -25.11 33.22
C LYS D 95 -4.10 -23.96 34.23
N ARG E 1 36.66 32.67 4.69
CA ARG E 1 35.74 32.43 3.57
C ARG E 1 35.86 31.00 3.02
N TYR E 2 34.83 30.15 3.27
CA TYR E 2 34.79 28.76 2.84
C TYR E 2 34.41 28.58 1.38
N ARG E 3 34.99 27.56 0.75
CA ARG E 3 34.80 27.18 -0.66
C ARG E 3 33.32 26.83 -0.95
N PRO E 4 32.88 26.92 -2.23
CA PRO E 4 31.48 26.58 -2.55
C PRO E 4 31.16 25.10 -2.36
N GLY E 5 30.36 24.81 -1.33
CA GLY E 5 29.97 23.46 -1.00
C GLY E 5 30.83 22.87 0.09
N THR E 6 30.96 23.59 1.21
CA THR E 6 31.75 23.14 2.37
C THR E 6 31.02 23.46 3.68
N VAL E 7 30.29 24.60 3.70
CA VAL E 7 29.35 24.96 4.76
C VAL E 7 28.10 24.06 4.58
N ALA E 8 27.75 23.72 3.30
CA ALA E 8 26.66 22.84 2.92
C ALA E 8 26.89 21.46 3.54
N LEU E 9 28.12 20.92 3.44
CA LEU E 9 28.45 19.62 4.02
C LEU E 9 28.43 19.63 5.53
N ARG E 10 28.75 20.76 6.15
CA ARG E 10 28.72 20.91 7.59
C ARG E 10 27.26 20.94 8.08
N GLU E 11 26.40 21.67 7.33
CA GLU E 11 24.97 21.79 7.62
C GLU E 11 24.27 20.43 7.53
N ILE E 12 24.55 19.63 6.47
CA ILE E 12 23.99 18.29 6.30
C ILE E 12 24.24 17.42 7.53
N ARG E 13 25.47 17.41 8.05
CA ARG E 13 25.78 16.64 9.25
C ARG E 13 25.06 17.24 10.46
N ARG E 14 25.01 18.56 10.56
CA ARG E 14 24.37 19.26 11.67
C ARG E 14 22.89 18.88 11.82
N TYR E 15 22.20 18.74 10.69
CA TYR E 15 20.77 18.43 10.67
C TYR E 15 20.46 16.94 10.66
N GLN E 16 21.22 16.11 9.92
CA GLN E 16 20.99 14.67 9.88
C GLN E 16 21.15 14.05 11.25
N LYS E 17 22.19 14.48 11.96
CA LYS E 17 22.48 14.03 13.31
C LYS E 17 21.66 14.77 14.39
N SER E 18 20.53 15.38 14.00
CA SER E 18 19.61 16.07 14.90
C SER E 18 18.15 15.64 14.62
N THR E 19 17.18 16.00 15.51
CA THR E 19 15.78 15.64 15.30
C THR E 19 14.78 16.78 15.43
N GLU E 20 15.23 17.96 15.85
CA GLU E 20 14.35 19.12 16.01
C GLU E 20 13.62 19.48 14.69
N LEU E 21 12.43 20.11 14.76
CA LEU E 21 11.72 20.49 13.53
C LEU E 21 12.39 21.68 12.82
N LEU E 22 12.28 21.75 11.49
CA LEU E 22 12.94 22.76 10.68
C LEU E 22 12.02 23.85 10.10
N ILE E 23 10.74 23.82 10.44
CA ILE E 23 9.78 24.86 10.05
C ILE E 23 9.30 25.46 11.36
N ARG E 24 9.17 26.79 11.44
CA ARG E 24 8.71 27.41 12.68
C ARG E 24 7.24 27.06 12.92
N LYS E 25 6.91 26.74 14.17
CA LYS E 25 5.60 26.30 14.61
C LYS E 25 4.45 27.26 14.28
N LEU E 26 4.66 28.60 14.35
CA LEU E 26 3.57 29.53 14.05
C LEU E 26 3.27 29.66 12.54
N PRO E 27 4.22 29.96 11.63
CA PRO E 27 3.87 30.04 10.19
C PRO E 27 3.16 28.76 9.69
N PHE E 28 3.61 27.60 10.21
CA PHE E 28 3.07 26.28 9.92
C PHE E 28 1.64 26.17 10.42
N GLN E 29 1.40 26.54 11.69
CA GLN E 29 0.05 26.51 12.25
C GLN E 29 -0.92 27.43 11.47
N ARG E 30 -0.40 28.53 10.89
CA ARG E 30 -1.21 29.43 10.10
C ARG E 30 -1.60 28.75 8.79
N LEU E 31 -0.64 28.08 8.14
CA LEU E 31 -0.87 27.36 6.89
C LEU E 31 -1.87 26.25 7.08
N VAL E 32 -1.76 25.52 8.20
CA VAL E 32 -2.69 24.43 8.50
C VAL E 32 -4.12 24.95 8.67
N ARG E 33 -4.30 26.03 9.44
CA ARG E 33 -5.62 26.60 9.67
C ARG E 33 -6.21 27.22 8.41
N GLU E 34 -5.36 27.78 7.53
CA GLU E 34 -5.78 28.35 6.26
C GLU E 34 -6.34 27.21 5.39
N ILE E 35 -5.54 26.16 5.17
CA ILE E 35 -5.94 24.98 4.39
C ILE E 35 -7.23 24.35 4.94
N ALA E 36 -7.29 24.09 6.25
CA ALA E 36 -8.49 23.50 6.85
C ALA E 36 -9.75 24.33 6.69
N GLN E 37 -9.65 25.66 6.78
CA GLN E 37 -10.81 26.56 6.61
C GLN E 37 -11.40 26.41 5.21
N ASP E 38 -10.55 26.14 4.19
CA ASP E 38 -10.98 25.91 2.82
C ASP E 38 -11.71 24.57 2.63
N PHE E 39 -11.90 23.77 3.69
CA PHE E 39 -12.61 22.48 3.64
C PHE E 39 -13.85 22.57 4.54
N LYS E 40 -13.69 23.19 5.72
CA LYS E 40 -14.76 23.40 6.68
C LYS E 40 -14.40 24.60 7.56
N THR E 41 -15.39 25.48 7.81
CA THR E 41 -15.19 26.66 8.65
C THR E 41 -15.55 26.34 10.12
N ASP E 42 -15.20 27.25 11.05
CA ASP E 42 -15.46 27.06 12.48
C ASP E 42 -14.68 25.84 12.99
N LEU E 43 -13.41 25.69 12.53
CA LEU E 43 -12.59 24.54 12.94
C LEU E 43 -11.55 24.83 14.02
N ARG E 44 -11.51 23.95 15.03
CA ARG E 44 -10.52 23.98 16.10
C ARG E 44 -9.52 22.83 15.83
N PHE E 45 -8.28 23.02 16.26
CA PHE E 45 -7.24 22.02 16.07
C PHE E 45 -6.58 21.68 17.38
N GLN E 46 -6.54 20.37 17.76
CA GLN E 46 -5.82 20.00 18.98
C GLN E 46 -4.34 20.34 18.82
N SER E 47 -3.67 20.83 19.87
CA SER E 47 -2.24 21.20 19.85
C SER E 47 -1.37 20.08 19.23
N SER E 48 -1.70 18.84 19.64
CA SER E 48 -1.11 17.57 19.24
C SER E 48 -1.39 17.27 17.77
N ALA E 49 -2.63 17.49 17.30
CA ALA E 49 -3.02 17.29 15.90
C ALA E 49 -2.17 18.13 14.96
N VAL E 50 -1.83 19.35 15.37
CA VAL E 50 -1.01 20.21 14.54
C VAL E 50 0.41 19.68 14.50
N MET E 51 0.94 19.25 15.65
CA MET E 51 2.28 18.68 15.70
C MET E 51 2.37 17.36 14.91
N ALA E 52 1.31 16.55 14.94
CA ALA E 52 1.19 15.32 14.17
C ALA E 52 1.26 15.63 12.68
N LEU E 53 0.67 16.76 12.25
CA LEU E 53 0.71 17.21 10.88
C LEU E 53 2.09 17.75 10.51
N GLN E 54 2.74 18.45 11.43
CA GLN E 54 4.06 19.02 11.17
C GLN E 54 5.12 17.97 11.04
N GLU E 55 5.08 16.99 11.93
CA GLU E 55 6.02 15.88 11.92
C GLU E 55 5.91 15.12 10.60
N ALA E 56 4.65 14.83 10.21
CA ALA E 56 4.28 14.13 8.99
C ALA E 56 4.84 14.80 7.74
N CYS E 57 4.76 16.15 7.70
CA CYS E 57 5.18 16.99 6.59
C CYS E 57 6.65 16.99 6.40
N GLU E 58 7.37 17.24 7.48
CA GLU E 58 8.82 17.34 7.42
C GLU E 58 9.41 15.99 7.06
N ALA E 59 8.96 14.91 7.74
CA ALA E 59 9.41 13.55 7.47
C ALA E 59 9.19 13.18 6.01
N TYR E 60 8.05 13.62 5.43
CA TYR E 60 7.72 13.39 4.03
C TYR E 60 8.71 14.08 3.13
N LEU E 61 8.90 15.42 3.37
CA LEU E 61 9.74 16.33 2.57
C LEU E 61 11.19 15.96 2.60
N VAL E 62 11.68 15.50 3.75
CA VAL E 62 13.06 15.04 3.88
C VAL E 62 13.27 13.78 3.04
N GLY E 63 12.32 12.85 3.13
CA GLY E 63 12.34 11.65 2.31
C GLY E 63 12.23 11.97 0.83
N LEU E 64 11.45 13.00 0.50
CA LEU E 64 11.31 13.47 -0.86
C LEU E 64 12.64 14.07 -1.32
N PHE E 65 13.33 14.81 -0.43
CA PHE E 65 14.63 15.39 -0.75
C PHE E 65 15.64 14.31 -1.04
N GLU E 66 15.62 13.22 -0.26
CA GLU E 66 16.49 12.05 -0.45
C GLU E 66 16.38 11.51 -1.89
N ASP E 67 15.14 11.23 -2.34
CA ASP E 67 14.89 10.72 -3.68
C ASP E 67 15.23 11.76 -4.72
N THR E 68 14.95 13.03 -4.44
CA THR E 68 15.22 14.12 -5.37
C THR E 68 16.71 14.23 -5.66
N ASN E 69 17.51 14.15 -4.59
CA ASN E 69 18.96 14.24 -4.65
C ASN E 69 19.53 13.10 -5.49
N LEU E 70 18.99 11.89 -5.31
CA LEU E 70 19.35 10.68 -6.06
C LEU E 70 19.07 10.83 -7.57
N CYS E 71 18.06 11.65 -7.91
CA CYS E 71 17.66 11.95 -9.28
C CYS E 71 18.63 12.97 -9.88
N ALA E 72 19.09 13.95 -9.07
CA ALA E 72 20.04 14.95 -9.52
C ALA E 72 21.37 14.23 -9.80
N ILE E 73 21.82 13.36 -8.88
CA ILE E 73 23.02 12.57 -9.05
C ILE E 73 22.91 11.61 -10.24
N HIS E 74 21.70 11.13 -10.55
CA HIS E 74 21.50 10.23 -11.68
C HIS E 74 21.80 10.90 -13.01
N ALA E 75 21.43 12.18 -13.14
CA ALA E 75 21.66 12.99 -14.34
C ALA E 75 22.96 13.82 -14.22
N LYS E 76 24.01 13.19 -13.68
CA LYS E 76 25.33 13.77 -13.48
C LYS E 76 25.30 15.19 -12.90
N ARG E 77 24.50 15.41 -11.84
CA ARG E 77 24.41 16.71 -11.18
C ARG E 77 24.65 16.63 -9.66
N VAL E 78 24.76 17.78 -9.00
CA VAL E 78 24.93 17.92 -7.55
C VAL E 78 23.79 18.80 -6.94
N THR E 79 23.12 19.60 -7.80
CA THR E 79 22.01 20.47 -7.43
C THR E 79 20.63 19.92 -7.86
N ILE E 80 19.70 19.92 -6.88
CA ILE E 80 18.31 19.49 -7.03
C ILE E 80 17.50 20.51 -7.84
N MET E 81 16.76 20.04 -8.83
CA MET E 81 15.99 20.89 -9.72
C MET E 81 14.52 20.45 -9.76
N PRO E 82 13.56 21.30 -10.18
CA PRO E 82 12.16 20.85 -10.24
C PRO E 82 11.96 19.56 -11.03
N LYS E 83 12.71 19.36 -12.14
CA LYS E 83 12.64 18.13 -12.94
C LYS E 83 12.96 16.87 -12.12
N ASP E 84 13.78 17.02 -11.08
CA ASP E 84 14.14 15.93 -10.17
C ASP E 84 12.99 15.67 -9.19
N ILE E 85 12.43 16.70 -8.54
CA ILE E 85 11.28 16.53 -7.64
C ILE E 85 10.11 15.86 -8.39
N GLN E 86 9.90 16.25 -9.64
CA GLN E 86 8.85 15.72 -10.51
C GLN E 86 9.10 14.27 -10.87
N LEU E 87 10.35 13.88 -11.16
CA LEU E 87 10.65 12.50 -11.49
C LEU E 87 10.50 11.62 -10.24
N ALA E 88 10.90 12.14 -9.05
CA ALA E 88 10.76 11.43 -7.79
C ALA E 88 9.28 11.19 -7.50
N ARG E 89 8.43 12.24 -7.52
CA ARG E 89 7.01 12.07 -7.28
C ARG E 89 6.30 11.33 -8.38
N ARG E 90 6.83 11.30 -9.61
CA ARG E 90 6.21 10.57 -10.69
C ARG E 90 6.40 9.05 -10.49
N ILE E 91 7.63 8.61 -10.21
CA ILE E 91 7.97 7.21 -9.97
C ILE E 91 7.43 6.70 -8.61
N ARG E 92 7.28 7.61 -7.63
CA ARG E 92 6.67 7.33 -6.33
C ARG E 92 5.12 7.06 -6.47
N GLY E 93 4.53 7.39 -7.61
CA GLY E 93 3.10 7.19 -7.83
C GLY E 93 2.27 8.29 -7.22
N GLU E 94 2.77 9.52 -7.28
CA GLU E 94 2.08 10.72 -6.80
C GLU E 94 1.62 11.56 -8.00
N ARG E 95 2.44 11.57 -9.07
CA ARG E 95 2.28 12.21 -10.37
C ARG E 95 2.28 11.04 -11.41
N ALA E 96 1.30 11.01 -12.35
CA ALA E 96 1.03 9.99 -13.40
C ALA E 96 2.08 8.80 -13.62
N ASN F 10 -0.23 32.15 3.46
CA ASN F 10 0.72 31.64 4.44
C ASN F 10 1.70 30.62 3.90
N ILE F 11 1.52 30.16 2.64
CA ILE F 11 2.46 29.22 2.01
C ILE F 11 3.87 29.86 1.89
N GLN F 12 3.96 31.21 1.91
CA GLN F 12 5.26 31.88 1.87
C GLN F 12 5.94 31.91 3.26
N GLY F 13 5.19 31.58 4.33
CA GLY F 13 5.68 31.44 5.71
C GLY F 13 6.68 30.29 5.87
N ILE F 14 6.60 29.34 4.93
CA ILE F 14 7.50 28.20 4.77
C ILE F 14 8.59 28.85 3.91
N THR F 15 9.52 29.56 4.58
CA THR F 15 10.59 30.37 4.01
C THR F 15 11.60 29.59 3.14
N LYS F 16 12.45 30.30 2.38
CA LYS F 16 13.54 29.71 1.60
C LYS F 16 14.61 29.06 2.56
N PRO F 17 14.97 29.67 3.73
CA PRO F 17 15.93 29.01 4.63
C PRO F 17 15.37 27.78 5.35
N ALA F 18 14.05 27.74 5.63
CA ALA F 18 13.40 26.59 6.27
C ALA F 18 13.38 25.38 5.32
N ILE F 19 13.17 25.65 4.01
CA ILE F 19 13.20 24.64 2.94
C ILE F 19 14.63 24.12 2.76
N ARG F 20 15.62 24.99 2.86
CA ARG F 20 17.03 24.63 2.75
C ARG F 20 17.46 23.70 3.86
N ARG F 21 16.95 23.88 5.09
CA ARG F 21 17.26 23.00 6.21
C ARG F 21 16.74 21.58 5.94
N LEU F 22 15.49 21.46 5.44
CA LEU F 22 14.92 20.16 5.10
C LEU F 22 15.70 19.49 3.97
N ALA F 23 16.30 20.26 3.06
CA ALA F 23 17.12 19.69 1.99
C ALA F 23 18.41 19.12 2.57
N ARG F 24 19.01 19.81 3.56
CA ARG F 24 20.24 19.36 4.23
C ARG F 24 20.02 18.01 4.91
N ARG F 25 18.89 17.82 5.61
CA ARG F 25 18.60 16.54 6.24
C ARG F 25 18.49 15.42 5.20
N GLY F 26 17.97 15.74 4.02
CA GLY F 26 17.88 14.79 2.93
C GLY F 26 19.20 14.54 2.20
N GLY F 27 20.27 15.19 2.66
CA GLY F 27 21.60 15.04 2.09
C GLY F 27 21.75 15.78 0.79
N VAL F 28 21.19 17.00 0.72
CA VAL F 28 21.26 17.80 -0.50
C VAL F 28 22.37 18.85 -0.42
N LYS F 29 23.29 18.84 -1.40
CA LYS F 29 24.39 19.79 -1.43
C LYS F 29 23.98 21.07 -2.15
N ARG F 30 23.60 20.98 -3.42
CA ARG F 30 23.20 22.17 -4.18
C ARG F 30 21.67 22.28 -4.33
N ILE F 31 21.09 23.45 -4.07
CA ILE F 31 19.64 23.64 -4.15
C ILE F 31 19.26 24.72 -5.16
N SER F 32 18.65 24.36 -6.30
CA SER F 32 18.21 25.35 -7.29
C SER F 32 17.24 26.39 -6.68
N GLY F 33 17.15 27.56 -7.30
CA GLY F 33 16.26 28.63 -6.84
C GLY F 33 14.81 28.37 -7.17
N LEU F 34 14.55 27.60 -8.24
CA LEU F 34 13.20 27.23 -8.63
C LEU F 34 12.57 26.21 -7.66
N ILE F 35 13.43 25.41 -7.00
CA ILE F 35 13.10 24.39 -6.02
C ILE F 35 12.25 24.97 -4.90
N TYR F 36 12.69 26.09 -4.29
CA TYR F 36 11.99 26.73 -3.16
C TYR F 36 10.49 26.96 -3.46
N GLU F 37 10.14 27.16 -4.74
CA GLU F 37 8.74 27.35 -5.12
C GLU F 37 8.05 26.01 -5.35
N GLU F 38 8.73 25.05 -6.01
CA GLU F 38 8.20 23.71 -6.27
C GLU F 38 7.92 22.96 -4.98
N THR F 39 8.77 23.14 -3.96
CA THR F 39 8.61 22.51 -2.66
C THR F 39 7.34 23.06 -2.00
N ARG F 40 7.13 24.36 -2.10
CA ARG F 40 5.93 24.98 -1.57
C ARG F 40 4.66 24.41 -2.20
N GLY F 41 4.72 24.10 -3.49
CA GLY F 41 3.60 23.50 -4.20
C GLY F 41 3.31 22.10 -3.68
N VAL F 42 4.34 21.26 -3.64
CA VAL F 42 4.28 19.88 -3.18
C VAL F 42 3.84 19.76 -1.71
N LEU F 43 4.30 20.66 -0.84
CA LEU F 43 3.92 20.70 0.57
C LEU F 43 2.41 21.03 0.69
N LYS F 44 1.93 21.99 -0.14
CA LYS F 44 0.53 22.40 -0.12
C LYS F 44 -0.36 21.24 -0.52
N VAL F 45 0.07 20.43 -1.52
CA VAL F 45 -0.70 19.28 -1.97
C VAL F 45 -0.77 18.27 -0.86
N PHE F 46 0.37 17.97 -0.24
CA PHE F 46 0.42 17.02 0.87
C PHE F 46 -0.52 17.44 2.01
N LEU F 47 -0.42 18.69 2.43
CA LEU F 47 -1.24 19.19 3.51
C LEU F 47 -2.71 19.14 3.17
N GLU F 48 -3.07 19.50 1.92
CA GLU F 48 -4.48 19.49 1.52
C GLU F 48 -5.04 18.09 1.67
N ASN F 49 -4.33 17.09 1.13
CA ASN F 49 -4.77 15.70 1.13
C ASN F 49 -4.90 15.10 2.52
N VAL F 50 -3.97 15.45 3.42
CA VAL F 50 -4.04 14.95 4.79
C VAL F 50 -5.18 15.63 5.58
N ILE F 51 -5.19 16.98 5.62
CA ILE F 51 -6.21 17.73 6.34
C ILE F 51 -7.61 17.42 5.83
N ARG F 52 -7.77 17.26 4.51
CA ARG F 52 -9.07 16.93 3.91
C ARG F 52 -9.65 15.65 4.52
N ASP F 53 -8.83 14.60 4.65
CA ASP F 53 -9.26 13.33 5.22
C ASP F 53 -9.46 13.47 6.72
N ALA F 54 -8.54 14.18 7.41
CA ALA F 54 -8.63 14.43 8.85
C ALA F 54 -9.94 15.09 9.21
N VAL F 55 -10.36 16.05 8.40
CA VAL F 55 -11.57 16.79 8.61
C VAL F 55 -12.75 15.91 8.31
N THR F 56 -12.69 15.08 7.25
CA THR F 56 -13.75 14.12 6.94
C THR F 56 -14.01 13.16 8.14
N TYR F 57 -12.96 12.87 8.92
CA TYR F 57 -13.09 12.03 10.12
C TYR F 57 -13.76 12.82 11.24
N THR F 58 -13.32 14.09 11.45
CA THR F 58 -13.83 15.03 12.43
C THR F 58 -15.32 15.24 12.19
N GLU F 59 -15.70 15.53 10.95
CA GLU F 59 -17.07 15.74 10.53
C GLU F 59 -17.92 14.49 10.75
N HIS F 60 -17.34 13.29 10.50
CA HIS F 60 -18.08 12.06 10.75
C HIS F 60 -18.32 11.89 12.25
N ALA F 61 -17.31 12.22 13.07
CA ALA F 61 -17.44 12.13 14.53
C ALA F 61 -18.37 13.20 15.14
N LYS F 62 -18.97 14.06 14.30
CA LYS F 62 -19.85 15.16 14.67
C LYS F 62 -19.13 16.16 15.57
N ARG F 63 -17.83 16.37 15.35
CA ARG F 63 -17.04 17.30 16.14
C ARG F 63 -16.62 18.54 15.38
N LYS F 64 -16.29 19.62 16.10
CA LYS F 64 -15.77 20.87 15.52
C LYS F 64 -14.23 20.97 15.67
N THR F 65 -13.64 20.15 16.57
CA THR F 65 -12.21 20.09 16.82
C THR F 65 -11.58 18.83 16.21
N VAL F 66 -10.63 19.05 15.29
CA VAL F 66 -9.84 18.04 14.61
C VAL F 66 -8.84 17.53 15.63
N THR F 67 -8.97 16.26 16.05
CA THR F 67 -8.10 15.70 17.09
C THR F 67 -6.82 15.11 16.51
N ALA F 68 -5.86 14.75 17.38
CA ALA F 68 -4.61 14.11 16.96
C ALA F 68 -4.90 12.77 16.30
N MET F 69 -5.96 12.06 16.75
CA MET F 69 -6.39 10.79 16.19
C MET F 69 -6.89 10.93 14.78
N ASP F 70 -7.67 11.96 14.48
CA ASP F 70 -8.15 12.18 13.11
C ASP F 70 -6.97 12.41 12.16
N VAL F 71 -5.95 13.18 12.59
CA VAL F 71 -4.74 13.40 11.79
C VAL F 71 -3.96 12.10 11.62
N VAL F 72 -3.98 11.23 12.64
CA VAL F 72 -3.34 9.94 12.57
C VAL F 72 -4.08 9.02 11.59
N TYR F 73 -5.41 8.93 11.70
CA TYR F 73 -6.20 8.10 10.81
C TYR F 73 -6.06 8.54 9.36
N ALA F 74 -5.95 9.85 9.13
CA ALA F 74 -5.81 10.37 7.78
C ALA F 74 -4.44 10.01 7.22
N LEU F 75 -3.39 10.06 8.06
CA LEU F 75 -2.04 9.73 7.65
C LEU F 75 -1.98 8.26 7.28
N LYS F 76 -2.56 7.39 8.09
CA LYS F 76 -2.63 5.95 7.79
C LYS F 76 -3.35 5.70 6.45
N ARG F 77 -4.47 6.42 6.17
CA ARG F 77 -5.22 6.31 4.92
C ARG F 77 -4.30 6.66 3.75
N GLN F 78 -3.48 7.72 3.91
CA GLN F 78 -2.52 8.19 2.91
C GLN F 78 -1.26 7.31 2.78
N GLY F 79 -1.12 6.31 3.65
CA GLY F 79 0.04 5.44 3.68
C GLY F 79 1.25 6.14 4.24
N ARG F 80 1.04 7.02 5.20
CA ARG F 80 2.16 7.77 5.82
C ARG F 80 1.55 7.66 7.20
N THR F 81 1.62 6.44 7.77
CA THR F 81 1.42 5.98 9.17
C THR F 81 2.36 6.67 10.15
N LEU F 82 1.81 7.34 11.15
CA LEU F 82 2.65 8.11 12.10
C LEU F 82 2.64 7.46 13.49
N TYR F 83 3.83 7.23 14.03
CA TYR F 83 4.04 6.66 15.35
C TYR F 83 4.28 7.74 16.38
N GLY F 84 3.63 7.62 17.54
CA GLY F 84 3.85 8.50 18.68
C GLY F 84 2.75 9.47 19.04
N PHE F 85 1.68 9.49 18.26
CA PHE F 85 0.60 10.42 18.54
C PHE F 85 -0.65 9.69 19.01
N GLY F 86 -0.43 8.79 19.96
CA GLY F 86 -1.47 8.00 20.60
C GLY F 86 -2.28 7.11 19.69
N GLY F 87 -1.78 6.88 18.47
CA GLY F 87 -2.46 6.06 17.46
C GLY F 87 -2.56 4.58 17.86
N ALA G 1 -43.51 -3.42 -5.14
CA ALA G 1 -42.11 -3.86 -5.16
C ALA G 1 -41.85 -4.83 -3.98
N LYS G 2 -41.45 -6.09 -4.26
CA LYS G 2 -41.21 -7.07 -3.18
C LYS G 2 -39.72 -7.20 -2.82
N THR G 3 -38.82 -7.05 -3.80
CA THR G 3 -37.38 -7.08 -3.52
C THR G 3 -36.96 -5.71 -3.00
N ARG G 4 -35.91 -5.66 -2.15
CA ARG G 4 -35.42 -4.40 -1.60
C ARG G 4 -34.79 -3.52 -2.68
N SER G 5 -34.23 -4.12 -3.74
CA SER G 5 -33.62 -3.39 -4.85
C SER G 5 -34.65 -2.61 -5.64
N SER G 6 -35.83 -3.20 -5.84
CA SER G 6 -36.91 -2.52 -6.54
C SER G 6 -37.45 -1.35 -5.72
N ARG G 7 -37.53 -1.49 -4.39
CA ARG G 7 -37.97 -0.41 -3.50
C ARG G 7 -37.02 0.80 -3.54
N ALA G 8 -35.73 0.57 -3.82
CA ALA G 8 -34.71 1.61 -3.86
C ALA G 8 -34.35 2.11 -5.26
N GLY G 9 -34.94 1.52 -6.30
CA GLY G 9 -34.69 1.91 -7.68
C GLY G 9 -33.33 1.44 -8.19
N LEU G 10 -32.94 0.26 -7.74
CA LEU G 10 -31.64 -0.28 -8.07
C LEU G 10 -31.72 -1.59 -8.83
N GLN G 11 -30.65 -1.86 -9.58
CA GLN G 11 -30.40 -3.10 -10.31
C GLN G 11 -29.54 -4.00 -9.41
N PHE G 12 -28.54 -3.42 -8.71
CA PHE G 12 -27.65 -4.13 -7.81
C PHE G 12 -28.43 -4.74 -6.63
N PRO G 13 -28.03 -5.94 -6.17
CA PRO G 13 -28.80 -6.64 -5.13
C PRO G 13 -28.68 -6.10 -3.73
N VAL G 14 -29.68 -5.36 -3.26
CA VAL G 14 -29.68 -4.79 -1.91
C VAL G 14 -29.68 -5.88 -0.83
N GLY G 15 -30.37 -6.98 -1.11
CA GLY G 15 -30.42 -8.09 -0.17
C GLY G 15 -29.10 -8.83 -0.02
N ARG G 16 -28.39 -9.01 -1.15
CA ARG G 16 -27.10 -9.71 -1.16
C ARG G 16 -26.03 -8.89 -0.46
N VAL G 17 -25.95 -7.60 -0.78
CA VAL G 17 -24.98 -6.68 -0.18
C VAL G 17 -25.15 -6.64 1.35
N HIS G 18 -26.40 -6.67 1.83
CA HIS G 18 -26.70 -6.67 3.27
C HIS G 18 -26.18 -7.93 3.95
N ARG G 19 -26.26 -9.07 3.24
CA ARG G 19 -25.81 -10.34 3.74
C ARG G 19 -24.28 -10.40 3.79
N LEU G 20 -23.60 -9.89 2.75
CA LEU G 20 -22.13 -9.85 2.67
C LEU G 20 -21.53 -8.92 3.73
N LEU G 21 -22.24 -7.86 4.11
CA LEU G 21 -21.75 -6.93 5.12
C LEU G 21 -21.69 -7.61 6.49
N ARG G 22 -22.68 -8.46 6.80
CA ARG G 22 -22.73 -9.17 8.08
C ARG G 22 -21.76 -10.36 8.01
N LYS G 23 -21.87 -11.15 6.92
CA LYS G 23 -21.06 -12.34 6.67
C LYS G 23 -19.57 -12.06 6.40
N GLY G 24 -19.18 -10.79 6.32
CA GLY G 24 -17.79 -10.41 6.07
C GLY G 24 -17.03 -9.89 7.28
N ASN G 25 -17.68 -9.87 8.47
CA ASN G 25 -17.03 -9.43 9.72
C ASN G 25 -16.59 -7.95 9.72
N TYR G 26 -17.47 -7.01 9.31
CA TYR G 26 -17.12 -5.60 9.29
C TYR G 26 -17.57 -4.89 10.56
N SER G 27 -18.72 -5.29 11.11
CA SER G 27 -19.22 -4.73 12.37
C SER G 27 -20.25 -5.67 13.00
N GLU G 28 -20.62 -5.39 14.27
CA GLU G 28 -21.63 -6.17 15.00
C GLU G 28 -22.98 -6.14 14.22
N ARG G 29 -23.52 -4.94 13.91
CA ARG G 29 -24.79 -4.78 13.20
C ARG G 29 -24.68 -3.96 11.89
N VAL G 30 -25.61 -4.20 10.95
CA VAL G 30 -25.65 -3.52 9.65
C VAL G 30 -26.96 -2.75 9.53
N GLY G 31 -26.85 -1.43 9.44
CA GLY G 31 -27.98 -0.53 9.27
C GLY G 31 -28.88 -0.88 8.09
N ALA G 32 -30.12 -0.39 8.11
CA ALA G 32 -31.10 -0.72 7.08
C ALA G 32 -30.80 -0.11 5.72
N GLY G 33 -30.24 1.09 5.74
CA GLY G 33 -29.92 1.85 4.55
C GLY G 33 -28.48 1.71 4.07
N ALA G 34 -27.60 1.08 4.87
CA ALA G 34 -26.23 0.87 4.44
C ALA G 34 -26.13 -0.02 3.20
N PRO G 35 -26.78 -1.21 3.11
CA PRO G 35 -26.68 -2.00 1.86
C PRO G 35 -27.30 -1.34 0.65
N VAL G 36 -28.29 -0.48 0.88
CA VAL G 36 -29.01 0.30 -0.11
C VAL G 36 -28.05 1.38 -0.67
N TYR G 37 -27.40 2.14 0.22
CA TYR G 37 -26.44 3.17 -0.15
C TYR G 37 -25.28 2.53 -0.90
N LEU G 38 -24.73 1.42 -0.36
CA LEU G 38 -23.60 0.71 -0.95
C LEU G 38 -23.92 0.09 -2.28
N ALA G 39 -25.06 -0.65 -2.43
CA ALA G 39 -25.42 -1.24 -3.72
C ALA G 39 -25.54 -0.17 -4.80
N ALA G 40 -26.00 1.04 -4.43
CA ALA G 40 -26.16 2.21 -5.29
C ALA G 40 -24.80 2.82 -5.69
N VAL G 41 -23.84 2.84 -4.76
CA VAL G 41 -22.49 3.35 -5.01
C VAL G 41 -21.76 2.38 -5.95
N LEU G 42 -21.96 1.06 -5.76
CA LEU G 42 -21.36 0.05 -6.60
C LEU G 42 -22.00 0.05 -7.98
N GLU G 43 -23.34 0.22 -8.03
CA GLU G 43 -24.10 0.30 -9.28
C GLU G 43 -23.69 1.56 -10.06
N TYR G 44 -23.52 2.69 -9.35
CA TYR G 44 -23.09 3.92 -10.02
C TYR G 44 -21.71 3.72 -10.65
N LEU G 45 -20.74 3.20 -9.87
CA LEU G 45 -19.40 3.01 -10.37
C LEU G 45 -19.34 2.03 -11.50
N THR G 46 -20.14 0.95 -11.45
CA THR G 46 -20.10 -0.03 -12.55
C THR G 46 -20.63 0.61 -13.82
N ALA G 47 -21.69 1.45 -13.72
CA ALA G 47 -22.28 2.15 -14.85
C ALA G 47 -21.30 3.19 -15.42
N GLU G 48 -20.59 3.88 -14.55
CA GLU G 48 -19.60 4.87 -14.94
C GLU G 48 -18.47 4.16 -15.74
N ILE G 49 -18.04 2.95 -15.31
CA ILE G 49 -17.02 2.18 -16.03
C ILE G 49 -17.56 1.67 -17.38
N LEU G 50 -18.69 0.92 -17.35
CA LEU G 50 -19.37 0.35 -18.49
C LEU G 50 -19.60 1.37 -19.57
N GLU G 51 -19.90 2.62 -19.16
CA GLU G 51 -20.13 3.72 -20.08
C GLU G 51 -18.90 3.98 -20.91
N LEU G 52 -17.79 4.32 -20.27
CA LEU G 52 -16.57 4.63 -20.98
C LEU G 52 -15.99 3.44 -21.75
N ALA G 53 -16.30 2.20 -21.29
CA ALA G 53 -15.81 0.99 -21.93
C ALA G 53 -16.57 0.73 -23.20
N GLY G 54 -17.90 0.86 -23.18
CA GLY G 54 -18.71 0.69 -24.39
C GLY G 54 -18.30 1.65 -25.50
N ASN G 55 -17.85 2.86 -25.08
CA ASN G 55 -17.37 3.91 -25.96
C ASN G 55 -16.05 3.49 -26.58
N ALA G 56 -15.15 2.89 -25.80
CA ALA G 56 -13.87 2.43 -26.31
C ALA G 56 -14.06 1.25 -27.26
N ALA G 57 -15.10 0.39 -27.02
CA ALA G 57 -15.47 -0.78 -27.85
C ALA G 57 -16.06 -0.32 -29.17
N ARG G 58 -16.91 0.72 -29.14
CA ARG G 58 -17.49 1.29 -30.34
C ARG G 58 -16.38 1.96 -31.18
N ASP G 59 -15.36 2.58 -30.54
CA ASP G 59 -14.23 3.19 -31.26
C ASP G 59 -13.43 2.12 -32.00
N ASN G 60 -13.32 0.94 -31.39
CA ASN G 60 -12.59 -0.20 -31.95
C ASN G 60 -13.47 -1.07 -32.86
N LYS G 61 -14.59 -0.53 -33.37
CA LYS G 61 -15.51 -1.21 -34.27
C LYS G 61 -16.09 -2.54 -33.72
N LYS G 62 -15.91 -2.79 -32.42
CA LYS G 62 -16.41 -4.01 -31.80
C LYS G 62 -17.77 -3.79 -31.15
N THR G 63 -18.52 -4.88 -31.09
CA THR G 63 -19.81 -4.96 -30.46
C THR G 63 -19.58 -5.26 -28.98
N ARG G 64 -18.65 -6.19 -28.66
CA ARG G 64 -18.35 -6.62 -27.29
C ARG G 64 -17.12 -5.98 -26.64
N ILE G 65 -17.32 -5.57 -25.37
CA ILE G 65 -16.32 -4.98 -24.50
C ILE G 65 -15.42 -6.11 -24.01
N ILE G 66 -14.14 -6.05 -24.32
CA ILE G 66 -13.16 -7.01 -23.85
C ILE G 66 -12.32 -6.27 -22.79
N PRO G 67 -11.45 -6.98 -22.02
CA PRO G 67 -10.64 -6.28 -21.01
C PRO G 67 -9.82 -5.11 -21.57
N ARG G 68 -9.48 -5.09 -22.88
CA ARG G 68 -8.73 -3.95 -23.43
C ARG G 68 -9.57 -2.70 -23.37
N HIS G 69 -10.87 -2.80 -23.63
CA HIS G 69 -11.77 -1.66 -23.61
C HIS G 69 -11.89 -1.11 -22.18
N LEU G 70 -11.94 -2.01 -21.16
CA LEU G 70 -11.97 -1.65 -19.76
C LEU G 70 -10.71 -0.90 -19.35
N GLN G 71 -9.54 -1.38 -19.78
CA GLN G 71 -8.29 -0.71 -19.48
C GLN G 71 -8.21 0.65 -20.13
N LEU G 72 -8.60 0.74 -21.39
CA LEU G 72 -8.61 1.99 -22.12
C LEU G 72 -9.51 3.00 -21.46
N ALA G 73 -10.68 2.55 -20.96
CA ALA G 73 -11.62 3.43 -20.27
C ALA G 73 -11.03 3.93 -18.96
N ILE G 74 -10.41 3.03 -18.16
CA ILE G 74 -9.84 3.35 -16.86
C ILE G 74 -8.69 4.34 -16.96
N ARG G 75 -7.70 4.03 -17.78
CA ARG G 75 -6.51 4.86 -17.86
C ARG G 75 -6.72 6.16 -18.58
N ASN G 76 -7.77 6.28 -19.39
CA ASN G 76 -8.05 7.53 -20.08
C ASN G 76 -8.86 8.51 -19.21
N ASP G 77 -9.60 8.01 -18.18
CA ASP G 77 -10.31 8.83 -17.20
C ASP G 77 -9.31 9.22 -16.10
N GLU G 78 -9.37 10.44 -15.52
CA GLU G 78 -8.41 10.87 -14.50
C GLU G 78 -8.75 10.25 -13.15
N GLU G 79 -10.04 10.21 -12.82
CA GLU G 79 -10.53 9.69 -11.55
C GLU G 79 -10.53 8.19 -11.49
N LEU G 80 -10.99 7.50 -12.54
CA LEU G 80 -10.97 6.03 -12.56
C LEU G 80 -9.53 5.53 -12.48
N ASN G 81 -8.60 6.22 -13.15
CA ASN G 81 -7.20 5.86 -13.06
C ASN G 81 -6.70 6.02 -11.63
N LYS G 82 -7.00 7.15 -10.96
CA LYS G 82 -6.55 7.37 -9.57
C LYS G 82 -7.16 6.34 -8.63
N LEU G 83 -8.43 5.98 -8.86
CA LEU G 83 -9.17 5.01 -8.04
C LEU G 83 -8.58 3.60 -8.19
N LEU G 84 -8.26 3.23 -9.44
CA LEU G 84 -7.68 1.91 -9.71
C LEU G 84 -6.21 2.08 -10.10
N GLY G 85 -5.49 2.91 -9.36
CA GLY G 85 -4.09 3.21 -9.65
C GLY G 85 -3.13 2.09 -9.36
N ARG G 86 -3.37 1.35 -8.27
CA ARG G 86 -2.49 0.25 -7.90
C ARG G 86 -3.21 -1.06 -8.11
N VAL G 87 -3.89 -1.17 -9.27
CA VAL G 87 -4.69 -2.32 -9.75
C VAL G 87 -4.22 -2.68 -11.16
N THR G 88 -4.20 -4.00 -11.49
CA THR G 88 -3.79 -4.52 -12.78
C THR G 88 -4.95 -5.20 -13.48
N ILE G 89 -5.37 -4.70 -14.65
CA ILE G 89 -6.44 -5.35 -15.42
C ILE G 89 -5.77 -6.42 -16.30
N ALA G 90 -6.10 -7.71 -16.04
CA ALA G 90 -5.50 -8.78 -16.83
C ALA G 90 -6.02 -8.70 -18.28
N GLN G 91 -5.10 -8.81 -19.23
CA GLN G 91 -5.35 -8.71 -20.66
C GLN G 91 -5.69 -7.27 -21.08
N GLY G 92 -5.23 -6.29 -20.32
CA GLY G 92 -5.53 -4.90 -20.58
C GLY G 92 -4.53 -4.14 -21.42
N GLY G 93 -3.29 -4.57 -21.49
CA GLY G 93 -2.26 -3.86 -22.25
C GLY G 93 -1.94 -2.50 -21.68
N VAL G 94 -1.16 -1.67 -22.41
CA VAL G 94 -0.87 -0.31 -21.92
C VAL G 94 -1.54 0.78 -22.81
N LEU G 95 -1.54 2.05 -22.35
CA LEU G 95 -2.03 3.14 -23.19
C LEU G 95 -0.90 3.41 -24.17
N PRO G 96 -1.23 3.61 -25.45
CA PRO G 96 -0.18 3.90 -26.43
C PRO G 96 0.42 5.28 -26.19
N ASN G 97 1.67 5.36 -25.78
CA ASN G 97 2.35 6.62 -25.53
C ASN G 97 3.86 6.45 -25.76
N ILE G 98 4.44 7.34 -26.57
CA ILE G 98 5.87 7.36 -26.91
C ILE G 98 6.44 8.72 -26.51
N GLN G 99 7.48 8.75 -25.66
CA GLN G 99 8.08 10.01 -25.21
C GLN G 99 8.67 10.80 -26.39
N ALA G 100 8.58 12.14 -26.32
CA ALA G 100 8.95 13.07 -27.39
C ALA G 100 10.39 12.99 -27.85
N VAL G 101 11.33 12.70 -26.93
CA VAL G 101 12.74 12.63 -27.31
C VAL G 101 13.07 11.37 -28.14
N LEU G 102 12.24 10.32 -28.05
CA LEU G 102 12.42 9.08 -28.80
C LEU G 102 11.87 9.16 -30.25
N LEU G 103 11.37 10.33 -30.66
CA LEU G 103 10.77 10.53 -31.96
C LEU G 103 11.80 10.97 -33.02
N PRO G 104 11.64 10.49 -34.28
CA PRO G 104 12.60 10.86 -35.33
C PRO G 104 12.77 12.37 -35.58
N LYS G 105 14.02 12.83 -35.68
CA LYS G 105 14.29 14.25 -35.91
C LYS G 105 14.11 14.63 -37.39
N ARG H 1 -21.15 -30.74 -6.21
CA ARG H 1 -20.50 -29.50 -6.64
C ARG H 1 -20.81 -28.30 -5.70
N SER H 2 -20.17 -27.13 -5.95
CA SER H 2 -20.44 -25.91 -5.16
C SER H 2 -20.94 -24.79 -6.07
N ARG H 3 -21.77 -23.90 -5.51
CA ARG H 3 -22.31 -22.78 -6.28
C ARG H 3 -21.39 -21.57 -6.20
N LYS H 4 -21.18 -20.92 -7.34
CA LYS H 4 -20.32 -19.76 -7.49
C LYS H 4 -21.12 -18.44 -7.64
N GLU H 5 -21.06 -17.55 -6.65
CA GLU H 5 -21.73 -16.25 -6.69
C GLU H 5 -21.10 -15.31 -7.73
N SER H 6 -21.87 -14.31 -8.20
CA SER H 6 -21.38 -13.38 -9.21
C SER H 6 -22.29 -12.14 -9.31
N TYR H 7 -21.73 -11.03 -9.76
CA TYR H 7 -22.50 -9.82 -10.01
C TYR H 7 -22.80 -9.68 -11.52
N SER H 8 -22.70 -10.78 -12.32
CA SER H 8 -22.86 -10.78 -13.78
C SER H 8 -24.24 -10.40 -14.27
N VAL H 9 -25.28 -10.79 -13.51
CA VAL H 9 -26.67 -10.51 -13.82
C VAL H 9 -26.88 -8.98 -13.85
N TYR H 10 -26.33 -8.29 -12.84
CA TYR H 10 -26.41 -6.85 -12.66
C TYR H 10 -25.45 -6.07 -13.53
N VAL H 11 -24.24 -6.61 -13.81
CA VAL H 11 -23.31 -5.93 -14.72
C VAL H 11 -23.92 -5.91 -16.14
N TYR H 12 -24.66 -6.99 -16.51
CA TYR H 12 -25.40 -7.13 -17.79
C TYR H 12 -26.56 -6.09 -17.84
N LYS H 13 -27.43 -6.07 -16.79
CA LYS H 13 -28.55 -5.15 -16.67
C LYS H 13 -28.09 -3.70 -16.86
N VAL H 14 -27.04 -3.30 -16.11
CA VAL H 14 -26.45 -1.96 -16.13
C VAL H 14 -25.80 -1.68 -17.51
N LEU H 15 -25.15 -2.68 -18.13
CA LEU H 15 -24.57 -2.51 -19.47
C LEU H 15 -25.68 -2.16 -20.50
N LYS H 16 -26.79 -2.90 -20.49
CA LYS H 16 -27.89 -2.64 -21.42
C LYS H 16 -28.46 -1.23 -21.24
N GLN H 17 -28.50 -0.69 -20.01
CA GLN H 17 -29.00 0.65 -19.79
C GLN H 17 -28.14 1.71 -20.48
N VAL H 18 -26.84 1.53 -20.39
CA VAL H 18 -25.89 2.49 -20.88
C VAL H 18 -25.59 2.32 -22.37
N HIS H 19 -25.36 1.09 -22.82
CA HIS H 19 -25.08 0.73 -24.22
C HIS H 19 -25.90 -0.49 -24.56
N PRO H 20 -27.12 -0.27 -25.10
CA PRO H 20 -28.04 -1.38 -25.38
C PRO H 20 -27.61 -2.30 -26.52
N ASP H 21 -26.68 -1.83 -27.35
CA ASP H 21 -26.16 -2.63 -28.46
C ASP H 21 -24.82 -3.29 -28.14
N THR H 22 -24.11 -2.80 -27.11
CA THR H 22 -22.78 -3.27 -26.75
C THR H 22 -22.87 -4.54 -25.85
N GLY H 23 -21.97 -5.50 -26.11
CA GLY H 23 -21.84 -6.78 -25.38
C GLY H 23 -20.63 -6.86 -24.46
N ILE H 24 -20.38 -8.02 -23.82
CA ILE H 24 -19.26 -8.14 -22.89
C ILE H 24 -18.58 -9.55 -22.91
N SER H 25 -17.23 -9.57 -23.04
CA SER H 25 -16.36 -10.76 -23.03
C SER H 25 -16.48 -11.52 -21.70
N SER H 26 -16.18 -12.83 -21.69
CA SER H 26 -16.20 -13.60 -20.43
C SER H 26 -15.09 -13.13 -19.51
N LYS H 27 -13.92 -12.77 -20.09
CA LYS H 27 -12.79 -12.23 -19.36
C LYS H 27 -13.13 -10.83 -18.84
N ALA H 28 -13.71 -9.98 -19.70
CA ALA H 28 -14.09 -8.63 -19.28
C ALA H 28 -15.11 -8.64 -18.15
N MET H 29 -16.01 -9.61 -18.14
CA MET H 29 -16.98 -9.75 -17.05
C MET H 29 -16.28 -10.13 -15.75
N GLY H 30 -15.18 -10.90 -15.85
CA GLY H 30 -14.35 -11.28 -14.72
C GLY H 30 -13.69 -10.03 -14.17
N ILE H 31 -13.15 -9.18 -15.05
CA ILE H 31 -12.55 -7.91 -14.64
C ILE H 31 -13.60 -7.03 -13.92
N MET H 32 -14.83 -7.01 -14.43
CA MET H 32 -15.90 -6.24 -13.79
C MET H 32 -16.29 -6.82 -12.44
N ASN H 33 -16.27 -8.13 -12.32
CA ASN H 33 -16.58 -8.80 -11.06
C ASN H 33 -15.51 -8.54 -10.00
N SER H 34 -14.25 -8.50 -10.43
CA SER H 34 -13.15 -8.19 -9.55
C SER H 34 -13.27 -6.73 -9.09
N PHE H 35 -13.71 -5.82 -10.00
CA PHE H 35 -13.88 -4.42 -9.67
C PHE H 35 -14.94 -4.23 -8.61
N VAL H 36 -16.09 -4.89 -8.75
CA VAL H 36 -17.19 -4.75 -7.78
C VAL H 36 -16.76 -5.28 -6.43
N ASN H 37 -16.09 -6.43 -6.41
CA ASN H 37 -15.63 -7.03 -5.16
C ASN H 37 -14.58 -6.22 -4.45
N ASP H 38 -13.66 -5.64 -5.22
CA ASP H 38 -12.58 -4.85 -4.64
C ASP H 38 -13.17 -3.60 -3.96
N ILE H 39 -14.01 -2.86 -4.69
CA ILE H 39 -14.62 -1.65 -4.18
C ILE H 39 -15.57 -1.97 -3.04
N PHE H 40 -16.24 -3.15 -3.07
CA PHE H 40 -17.12 -3.53 -1.96
C PHE H 40 -16.33 -3.59 -0.66
N GLU H 41 -15.21 -4.34 -0.64
CA GLU H 41 -14.41 -4.47 0.56
C GLU H 41 -13.64 -3.20 0.90
N ARG H 42 -13.32 -2.35 -0.09
CA ARG H 42 -12.64 -1.09 0.21
C ARG H 42 -13.57 -0.18 1.03
N ILE H 43 -14.84 -0.07 0.59
CA ILE H 43 -15.84 0.75 1.26
C ILE H 43 -16.27 0.11 2.57
N ALA H 44 -16.62 -1.19 2.56
CA ALA H 44 -17.05 -1.91 3.76
C ALA H 44 -16.01 -1.87 4.85
N GLY H 45 -14.76 -2.08 4.51
CA GLY H 45 -13.67 -2.06 5.48
C GLY H 45 -13.45 -0.70 6.07
N GLU H 46 -13.57 0.36 5.24
CA GLU H 46 -13.41 1.73 5.73
C GLU H 46 -14.57 2.10 6.67
N ALA H 47 -15.78 1.67 6.34
CA ALA H 47 -16.95 1.91 7.18
C ALA H 47 -16.83 1.12 8.49
N SER H 48 -16.24 -0.07 8.44
CA SER H 48 -15.98 -0.92 9.61
C SER H 48 -15.07 -0.18 10.60
N ARG H 49 -14.11 0.58 10.08
CA ARG H 49 -13.16 1.32 10.88
C ARG H 49 -13.78 2.53 11.47
N LEU H 50 -14.57 3.30 10.69
CA LEU H 50 -15.27 4.51 11.17
C LEU H 50 -16.17 4.16 12.36
N ALA H 51 -16.90 3.03 12.28
CA ALA H 51 -17.75 2.60 13.37
C ALA H 51 -16.88 2.30 14.62
N HIS H 52 -15.77 1.55 14.43
CA HIS H 52 -14.83 1.23 15.50
C HIS H 52 -14.29 2.50 16.15
N TYR H 53 -13.86 3.49 15.34
CA TYR H 53 -13.26 4.70 15.86
C TYR H 53 -14.22 5.47 16.73
N ASN H 54 -15.49 5.54 16.32
CA ASN H 54 -16.48 6.28 17.07
C ASN H 54 -17.28 5.41 18.05
N LYS H 55 -16.67 4.31 18.52
CA LYS H 55 -17.24 3.37 19.48
C LYS H 55 -18.68 2.98 19.17
N ARG H 56 -18.98 2.87 17.89
CA ARG H 56 -20.29 2.48 17.40
C ARG H 56 -20.27 1.00 17.01
N SER H 57 -21.32 0.29 17.37
CA SER H 57 -21.50 -1.14 17.10
C SER H 57 -22.14 -1.43 15.71
N THR H 58 -22.62 -0.39 15.01
CA THR H 58 -23.32 -0.58 13.74
C THR H 58 -22.72 0.17 12.55
N ILE H 59 -22.80 -0.43 11.35
CA ILE H 59 -22.39 0.25 10.12
C ILE H 59 -23.68 0.75 9.52
N THR H 60 -23.92 2.06 9.57
CA THR H 60 -25.12 2.65 8.97
C THR H 60 -24.74 3.36 7.64
N SER H 61 -25.73 3.82 6.86
CA SER H 61 -25.44 4.53 5.62
C SER H 61 -24.56 5.80 5.85
N ARG H 62 -24.47 6.29 7.07
CA ARG H 62 -23.64 7.44 7.42
C ARG H 62 -22.12 7.04 7.36
N GLU H 63 -21.81 5.78 7.70
CA GLU H 63 -20.46 5.24 7.65
C GLU H 63 -20.10 4.91 6.21
N ILE H 64 -21.06 4.38 5.43
CA ILE H 64 -20.85 4.11 4.01
C ILE H 64 -20.56 5.42 3.29
N GLN H 65 -21.33 6.46 3.57
CA GLN H 65 -21.13 7.75 2.92
C GLN H 65 -19.75 8.40 3.20
N THR H 66 -19.28 8.42 4.47
CA THR H 66 -17.97 9.00 4.75
C THR H 66 -16.86 8.12 4.21
N ALA H 67 -17.07 6.79 4.13
CA ALA H 67 -16.09 5.89 3.53
C ALA H 67 -15.95 6.24 2.03
N VAL H 68 -17.08 6.52 1.34
CA VAL H 68 -17.10 6.90 -0.07
C VAL H 68 -16.36 8.23 -0.25
N ARG H 69 -16.61 9.20 0.63
CA ARG H 69 -15.92 10.49 0.58
C ARG H 69 -14.41 10.36 0.78
N LEU H 70 -13.98 9.35 1.53
CA LEU H 70 -12.56 9.13 1.79
C LEU H 70 -11.89 8.38 0.67
N LEU H 71 -12.58 7.38 0.12
CA LEU H 71 -12.00 6.48 -0.89
C LEU H 71 -12.09 6.93 -2.34
N LEU H 72 -13.22 7.48 -2.76
CA LEU H 72 -13.36 7.84 -4.18
C LEU H 72 -12.74 9.20 -4.44
N PRO H 73 -12.31 9.51 -5.69
CA PRO H 73 -11.80 10.81 -6.11
C PRO H 73 -12.88 11.90 -6.15
N GLY H 74 -12.49 13.17 -6.34
CA GLY H 74 -13.41 14.27 -6.11
C GLY H 74 -14.80 14.14 -6.77
N GLU H 75 -14.88 14.09 -8.10
CA GLU H 75 -16.19 14.17 -8.80
C GLU H 75 -16.92 12.85 -8.89
N LEU H 76 -16.21 11.75 -8.64
CA LEU H 76 -16.77 10.40 -8.64
C LEU H 76 -17.50 10.22 -7.30
N ALA H 77 -16.89 10.66 -6.18
CA ALA H 77 -17.44 10.60 -4.84
C ALA H 77 -18.71 11.46 -4.78
N LYS H 78 -18.69 12.66 -5.39
CA LYS H 78 -19.82 13.57 -5.41
C LYS H 78 -21.03 12.90 -6.02
N HIS H 79 -20.84 12.29 -7.18
CA HIS H 79 -21.91 11.62 -7.87
C HIS H 79 -22.34 10.31 -7.19
N ALA H 80 -21.40 9.62 -6.50
CA ALA H 80 -21.72 8.39 -5.81
C ALA H 80 -22.51 8.69 -4.54
N VAL H 81 -22.10 9.72 -3.79
CA VAL H 81 -22.79 10.20 -2.58
C VAL H 81 -24.22 10.65 -2.95
N SER H 82 -24.39 11.25 -4.15
CA SER H 82 -25.67 11.67 -4.70
C SER H 82 -26.52 10.42 -4.98
N GLU H 83 -26.06 9.56 -5.91
CA GLU H 83 -26.73 8.33 -6.31
C GLU H 83 -27.11 7.42 -5.13
N GLY H 84 -26.31 7.48 -4.08
CA GLY H 84 -26.50 6.70 -2.88
C GLY H 84 -27.58 7.28 -1.99
N THR H 85 -27.50 8.59 -1.68
CA THR H 85 -28.50 9.25 -0.84
C THR H 85 -29.89 9.18 -1.48
N LYS H 86 -29.95 9.20 -2.82
CA LYS H 86 -31.19 9.07 -3.57
C LYS H 86 -31.81 7.66 -3.36
N ALA H 87 -31.05 6.59 -3.56
CA ALA H 87 -31.54 5.22 -3.37
C ALA H 87 -32.03 4.97 -1.93
N VAL H 88 -31.34 5.55 -0.94
CA VAL H 88 -31.71 5.41 0.48
C VAL H 88 -33.03 6.13 0.72
N THR H 89 -33.12 7.40 0.29
CA THR H 89 -34.31 8.25 0.39
C THR H 89 -35.53 7.52 -0.19
N LYS H 90 -35.40 7.00 -1.42
CA LYS H 90 -36.43 6.24 -2.11
C LYS H 90 -36.83 4.95 -1.36
N TYR H 91 -35.85 4.28 -0.76
CA TYR H 91 -36.07 3.04 -0.01
C TYR H 91 -36.90 3.29 1.25
N THR H 92 -36.64 4.42 1.94
CA THR H 92 -37.33 4.80 3.17
C THR H 92 -38.82 5.11 2.89
N SER H 93 -39.10 5.74 1.75
CA SER H 93 -40.46 6.08 1.35
C SER H 93 -41.30 4.80 1.14
N ALA H 94 -40.81 3.85 0.30
CA ALA H 94 -41.51 2.59 0.03
C ALA H 94 -41.18 1.50 1.05
MN MN K . 15.29 -26.60 -7.32
MN MN L . -37.29 -3.99 12.61
MN MN M . -8.15 -42.25 -5.61
MN MN N . 28.27 -3.06 -30.18
#